data_2IPJ
#
_entry.id   2IPJ
#
_cell.length_a   144.788
_cell.length_b   144.788
_cell.length_c   203.885
_cell.angle_alpha   90.000
_cell.angle_beta   90.000
_cell.angle_gamma   120.000
#
_symmetry.space_group_name_H-M   'H 3 2'
#
loop_
_entity.id
_entity.type
_entity.pdbx_description
1 polymer 'Aldo-keto reductase family 1 member C2'
2 non-polymer 'SULFATE ION'
3 non-polymer 'NADP NICOTINAMIDE-ADENINE-DINUCLEOTIDE PHOSPHATE'
4 non-polymer (10ALPHA,13ALPHA,14BETA,17ALPHA)-17-HYDROXYANDROST-4-EN-3-ONE
5 non-polymer BETA-MERCAPTOETHANOL
6 non-polymer 1,2-ETHANEDIOL
7 water water
#
_entity_poly.entity_id   1
_entity_poly.type   'polypeptide(L)'
_entity_poly.pdbx_seq_one_letter_code
;SKYQCVKLNDGHFMPVLGFGTAAPAEVPKSKALEAVKLAIEAGFHHIDSAHVYNNEEQVGLAIRSKIADGSVKREDIFYT
SKLWSNSHRPELVRPALERSLKNLQLDYVDLYLIHFPVSVKPGEEVIPKDENGKILFDTVDLCATWEAMEKCKDAGLAKS
IGVSNFNHRLLEMILNKPGLKYKPVCNQVECHPYFNQRKLLDFCKSKDIVLVAYSALGSHREEPWVDPNSPVLLEDPVLC
ALAKKHKRTPALIALRYQLQRGVVVLAKSYNEQRIRQNVQVFEFQLTSEEMKAIDGLNRNVRYLTLDIFAGPPNYPFSDE
Y
;
_entity_poly.pdbx_strand_id   A,B
#
# COMPACT_ATOMS: atom_id res chain seq x y z
N SER A 1 7.94 12.39 -7.33
CA SER A 1 8.61 11.08 -7.58
C SER A 1 8.14 10.02 -6.60
N LYS A 2 7.04 10.31 -5.90
CA LYS A 2 6.48 9.37 -4.94
C LYS A 2 5.11 8.86 -5.40
N TYR A 3 4.84 7.59 -5.14
CA TYR A 3 3.57 6.96 -5.50
C TYR A 3 3.45 5.64 -4.77
N GLN A 4 2.25 5.06 -4.77
CA GLN A 4 2.01 3.82 -4.05
C GLN A 4 2.53 2.55 -4.73
N CYS A 5 3.31 1.77 -3.99
N CYS A 5 3.29 1.76 -3.97
CA CYS A 5 3.85 0.51 -4.52
CA CYS A 5 3.86 0.51 -4.47
C CYS A 5 3.91 -0.56 -3.43
C CYS A 5 3.90 -0.57 -3.41
N VAL A 6 4.19 -1.80 -3.84
CA VAL A 6 4.27 -2.93 -2.94
C VAL A 6 5.60 -3.65 -3.15
N LYS A 7 6.16 -4.20 -2.09
CA LYS A 7 7.44 -4.90 -2.18
C LYS A 7 7.23 -6.35 -2.62
N LEU A 8 7.87 -6.73 -3.73
CA LEU A 8 7.75 -8.09 -4.26
C LEU A 8 8.66 -9.05 -3.47
N ASN A 9 8.43 -10.35 -3.64
CA ASN A 9 9.24 -11.32 -2.90
C ASN A 9 10.69 -11.41 -3.34
N ASP A 10 11.08 -10.58 -4.31
CA ASP A 10 12.48 -10.58 -4.75
C ASP A 10 13.11 -9.23 -4.43
N GLY A 11 12.45 -8.45 -3.58
CA GLY A 11 12.98 -7.16 -3.18
C GLY A 11 12.62 -5.94 -4.02
N HIS A 12 12.18 -6.15 -5.26
CA HIS A 12 11.82 -5.02 -6.12
C HIS A 12 10.46 -4.48 -5.72
N PHE A 13 10.13 -3.29 -6.23
CA PHE A 13 8.85 -2.67 -5.92
C PHE A 13 7.96 -2.49 -7.13
N MET A 14 6.68 -2.81 -6.97
CA MET A 14 5.71 -2.70 -8.05
C MET A 14 4.62 -1.68 -7.75
N PRO A 15 4.42 -0.71 -8.66
CA PRO A 15 3.37 0.31 -8.45
C PRO A 15 2.04 -0.43 -8.42
N VAL A 16 1.21 -0.15 -7.43
CA VAL A 16 -0.07 -0.85 -7.28
C VAL A 16 -1.13 -0.62 -8.35
N LEU A 17 -0.98 0.42 -9.15
CA LEU A 17 -1.92 0.72 -10.23
C LEU A 17 -1.15 0.66 -11.54
N GLY A 18 -1.57 -0.23 -12.44
CA GLY A 18 -0.91 -0.36 -13.72
C GLY A 18 -1.79 0.00 -14.89
N PHE A 19 -1.17 0.42 -15.99
CA PHE A 19 -1.89 0.80 -17.19
C PHE A 19 -1.87 -0.35 -18.19
N GLY A 20 -3.05 -0.78 -18.62
CA GLY A 20 -3.13 -1.86 -19.59
C GLY A 20 -3.06 -1.29 -20.99
N THR A 21 -2.31 -1.94 -21.87
CA THR A 21 -2.16 -1.42 -23.24
C THR A 21 -2.82 -2.26 -24.32
N ALA A 22 -3.38 -3.40 -23.96
CA ALA A 22 -4.01 -4.27 -24.95
C ALA A 22 -5.32 -3.69 -25.48
N ALA A 23 -5.46 -3.68 -26.80
CA ALA A 23 -6.67 -3.16 -27.43
C ALA A 23 -7.10 -4.10 -28.56
N PRO A 24 -8.36 -4.00 -29.01
CA PRO A 24 -8.88 -4.84 -30.09
C PRO A 24 -8.13 -4.65 -31.39
N ALA A 25 -8.15 -5.67 -32.24
CA ALA A 25 -7.45 -5.63 -33.53
C ALA A 25 -7.88 -4.46 -34.42
N GLU A 26 -9.15 -4.10 -34.36
CA GLU A 26 -9.67 -3.00 -35.18
C GLU A 26 -9.20 -1.64 -34.70
N VAL A 27 -8.33 -1.62 -33.71
CA VAL A 27 -7.80 -0.36 -33.18
C VAL A 27 -6.37 -0.17 -33.66
N PRO A 28 -6.10 0.96 -34.35
CA PRO A 28 -4.75 1.25 -34.86
C PRO A 28 -3.72 1.26 -33.73
N LYS A 29 -2.50 0.85 -34.05
CA LYS A 29 -1.43 0.80 -33.07
C LYS A 29 -0.98 2.19 -32.61
N SER A 30 -1.24 3.19 -33.43
CA SER A 30 -0.87 4.56 -33.10
C SER A 30 -1.57 4.99 -31.81
N LYS A 31 -2.69 4.34 -31.50
CA LYS A 31 -3.44 4.68 -30.29
C LYS A 31 -2.69 4.28 -29.03
N ALA A 32 -1.90 3.22 -29.11
CA ALA A 32 -1.14 2.78 -27.94
C ALA A 32 -0.11 3.83 -27.55
N LEU A 33 0.51 4.43 -28.56
CA LEU A 33 1.51 5.46 -28.33
C LEU A 33 0.93 6.65 -27.58
N GLU A 34 -0.15 7.21 -28.09
CA GLU A 34 -0.76 8.36 -27.45
C GLU A 34 -1.31 8.02 -26.07
N ALA A 35 -1.91 6.84 -25.94
CA ALA A 35 -2.48 6.42 -24.67
C ALA A 35 -1.44 6.26 -23.58
N VAL A 36 -0.33 5.61 -23.88
CA VAL A 36 0.68 5.42 -22.85
C VAL A 36 1.26 6.76 -22.40
N LYS A 37 1.46 7.69 -23.34
CA LYS A 37 1.98 9.00 -22.96
C LYS A 37 1.01 9.71 -22.02
N LEU A 38 -0.29 9.63 -22.31
CA LEU A 38 -1.29 10.27 -21.46
C LEU A 38 -1.35 9.59 -20.09
N ALA A 39 -1.15 8.28 -20.06
CA ALA A 39 -1.16 7.53 -18.82
C ALA A 39 0.01 7.99 -17.93
N ILE A 40 1.19 8.14 -18.53
CA ILE A 40 2.35 8.59 -17.77
C ILE A 40 2.09 10.01 -17.27
N GLU A 41 1.52 10.85 -18.13
CA GLU A 41 1.20 12.23 -17.75
C GLU A 41 0.22 12.25 -16.57
N ALA A 42 -0.76 11.35 -16.59
CA ALA A 42 -1.76 11.27 -15.54
C ALA A 42 -1.20 10.75 -14.20
N GLY A 43 -0.08 10.05 -14.26
CA GLY A 43 0.49 9.54 -13.03
C GLY A 43 0.66 8.03 -12.94
N PHE A 44 0.47 7.31 -14.05
CA PHE A 44 0.68 5.87 -14.04
C PHE A 44 2.19 5.66 -14.05
N HIS A 45 2.69 4.73 -13.23
CA HIS A 45 4.12 4.44 -13.20
C HIS A 45 4.37 2.97 -13.56
N HIS A 46 3.28 2.26 -13.81
CA HIS A 46 3.34 0.83 -14.13
C HIS A 46 2.63 0.68 -15.49
N ILE A 47 3.34 0.10 -16.46
N ILE A 47 3.34 0.10 -16.46
CA ILE A 47 2.79 -0.10 -17.79
CA ILE A 47 2.79 -0.11 -17.79
C ILE A 47 2.85 -1.59 -18.14
C ILE A 47 2.85 -1.59 -18.14
N ASP A 48 1.71 -2.15 -18.56
CA ASP A 48 1.65 -3.56 -18.89
C ASP A 48 1.40 -3.87 -20.35
N SER A 49 2.33 -4.62 -20.94
CA SER A 49 2.19 -5.03 -22.33
C SER A 49 2.63 -6.47 -22.53
N ALA A 50 2.87 -6.86 -23.78
CA ALA A 50 3.27 -8.22 -24.09
C ALA A 50 3.60 -8.34 -25.56
N HIS A 51 4.43 -9.31 -25.90
CA HIS A 51 4.80 -9.50 -27.30
C HIS A 51 3.56 -9.77 -28.15
N VAL A 52 2.65 -10.59 -27.63
CA VAL A 52 1.44 -10.95 -28.38
C VAL A 52 0.50 -9.79 -28.68
N TYR A 53 0.62 -8.69 -27.95
CA TYR A 53 -0.25 -7.54 -28.19
C TYR A 53 0.12 -6.80 -29.47
N ASN A 54 1.34 -7.04 -29.95
CA ASN A 54 1.82 -6.40 -31.17
C ASN A 54 1.77 -4.88 -31.07
N ASN A 55 2.25 -4.35 -29.94
CA ASN A 55 2.24 -2.91 -29.74
C ASN A 55 3.50 -2.42 -29.03
N GLU A 56 4.43 -3.33 -28.74
CA GLU A 56 5.63 -2.93 -28.02
C GLU A 56 6.47 -1.85 -28.71
N GLU A 57 6.38 -1.75 -30.03
CA GLU A 57 7.14 -0.71 -30.71
C GLU A 57 6.59 0.65 -30.27
N GLN A 58 5.27 0.77 -30.33
CA GLN A 58 4.58 2.00 -29.94
C GLN A 58 4.68 2.29 -28.44
N VAL A 59 4.47 1.28 -27.60
CA VAL A 59 4.55 1.48 -26.16
C VAL A 59 5.97 1.88 -25.75
N GLY A 60 6.96 1.24 -26.36
CA GLY A 60 8.34 1.57 -26.05
C GLY A 60 8.65 3.00 -26.44
N LEU A 61 8.10 3.42 -27.57
CA LEU A 61 8.32 4.77 -28.06
C LEU A 61 7.73 5.79 -27.08
N ALA A 62 6.55 5.48 -26.55
CA ALA A 62 5.90 6.39 -25.60
C ALA A 62 6.81 6.57 -24.37
N ILE A 63 7.30 5.45 -23.86
CA ILE A 63 8.17 5.47 -22.69
C ILE A 63 9.45 6.26 -22.97
N ARG A 64 10.11 5.93 -24.08
CA ARG A 64 11.34 6.62 -24.44
C ARG A 64 11.13 8.12 -24.59
N SER A 65 9.99 8.50 -25.15
CA SER A 65 9.67 9.91 -25.36
C SER A 65 9.49 10.65 -24.04
N LYS A 66 8.78 10.02 -23.10
CA LYS A 66 8.54 10.63 -21.79
C LYS A 66 9.81 10.70 -20.95
N ILE A 67 10.75 9.82 -21.21
CA ILE A 67 12.02 9.84 -20.50
C ILE A 67 12.90 10.89 -21.16
N ALA A 68 12.96 10.86 -22.48
CA ALA A 68 13.78 11.79 -23.25
C ALA A 68 13.43 13.27 -23.03
N ASP A 69 12.18 13.57 -22.71
CA ASP A 69 11.82 14.97 -22.51
C ASP A 69 11.78 15.41 -21.05
N GLY A 70 12.28 14.55 -20.16
CA GLY A 70 12.33 14.89 -18.75
C GLY A 70 11.09 14.65 -17.91
N SER A 71 10.01 14.18 -18.52
CA SER A 71 8.79 13.94 -17.77
C SER A 71 8.99 12.89 -16.68
N VAL A 72 9.73 11.84 -17.00
CA VAL A 72 9.96 10.79 -16.04
C VAL A 72 11.34 10.15 -16.21
N LYS A 73 11.81 9.46 -15.18
CA LYS A 73 13.08 8.77 -15.23
C LYS A 73 12.80 7.28 -15.45
N ARG A 74 13.73 6.57 -16.09
CA ARG A 74 13.53 5.14 -16.34
C ARG A 74 13.23 4.34 -15.09
N GLU A 75 13.89 4.67 -13.98
CA GLU A 75 13.65 3.95 -12.74
C GLU A 75 12.27 4.21 -12.15
N ASP A 76 11.57 5.20 -12.70
CA ASP A 76 10.23 5.52 -12.22
C ASP A 76 9.12 4.98 -13.12
N ILE A 77 9.51 4.10 -14.03
CA ILE A 77 8.57 3.44 -14.93
C ILE A 77 8.80 1.95 -14.68
N PHE A 78 7.72 1.23 -14.40
CA PHE A 78 7.77 -0.21 -14.17
C PHE A 78 7.08 -0.80 -15.39
N TYR A 79 7.86 -1.36 -16.30
CA TYR A 79 7.32 -1.93 -17.53
C TYR A 79 7.30 -3.45 -17.53
N THR A 80 6.17 -4.02 -17.90
CA THR A 80 6.01 -5.49 -17.95
C THR A 80 5.80 -6.00 -19.37
N SER A 81 6.49 -7.09 -19.69
CA SER A 81 6.32 -7.73 -20.99
C SER A 81 5.97 -9.17 -20.66
N LYS A 82 5.58 -9.94 -21.67
CA LYS A 82 5.23 -11.32 -21.43
C LYS A 82 5.76 -12.21 -22.54
N LEU A 83 6.21 -13.39 -22.15
CA LEU A 83 6.76 -14.40 -23.05
C LEU A 83 5.58 -15.13 -23.68
N TRP A 84 5.41 -15.03 -25.00
CA TRP A 84 4.30 -15.72 -25.63
C TRP A 84 4.58 -17.22 -25.76
N SER A 85 3.50 -17.98 -25.83
CA SER A 85 3.53 -19.44 -25.91
C SER A 85 4.31 -20.10 -27.04
N ASN A 86 4.67 -19.35 -28.07
CA ASN A 86 5.44 -19.95 -29.17
C ASN A 86 6.93 -19.94 -28.82
N SER A 87 7.26 -19.44 -27.65
CA SER A 87 8.66 -19.39 -27.23
C SER A 87 8.86 -19.98 -25.83
N HIS A 88 8.05 -20.98 -25.49
CA HIS A 88 8.16 -21.63 -24.18
C HIS A 88 9.40 -22.51 -24.08
N ARG A 89 9.91 -22.98 -25.21
CA ARG A 89 11.10 -23.83 -25.18
C ARG A 89 12.25 -23.05 -24.55
N PRO A 90 12.97 -23.69 -23.61
CA PRO A 90 14.10 -23.08 -22.91
C PRO A 90 15.00 -22.17 -23.75
N GLU A 91 15.55 -22.73 -24.82
CA GLU A 91 16.46 -22.00 -25.69
C GLU A 91 15.82 -20.84 -26.44
N LEU A 92 14.49 -20.72 -26.37
CA LEU A 92 13.81 -19.64 -27.08
C LEU A 92 13.36 -18.49 -26.16
N VAL A 93 13.44 -18.68 -24.84
CA VAL A 93 13.02 -17.67 -23.88
C VAL A 93 13.83 -16.37 -23.95
N ARG A 94 15.15 -16.46 -23.84
CA ARG A 94 15.97 -15.26 -23.90
C ARG A 94 15.81 -14.55 -25.25
N PRO A 95 15.84 -15.31 -26.36
CA PRO A 95 15.70 -14.66 -27.67
C PRO A 95 14.38 -13.89 -27.78
N ALA A 96 13.33 -14.39 -27.11
CA ALA A 96 12.02 -13.73 -27.15
C ALA A 96 12.08 -12.42 -26.36
N LEU A 97 12.75 -12.46 -25.22
CA LEU A 97 12.90 -11.27 -24.39
C LEU A 97 13.72 -10.22 -25.14
N GLU A 98 14.81 -10.66 -25.74
CA GLU A 98 15.68 -9.75 -26.48
C GLU A 98 14.97 -9.17 -27.70
N ARG A 99 14.04 -9.91 -28.28
CA ARG A 99 13.30 -9.42 -29.43
C ARG A 99 12.38 -8.29 -28.97
N SER A 100 11.71 -8.51 -27.84
CA SER A 100 10.81 -7.50 -27.29
C SER A 100 11.60 -6.25 -26.92
N LEU A 101 12.76 -6.44 -26.29
CA LEU A 101 13.59 -5.30 -25.90
C LEU A 101 14.02 -4.49 -27.11
N LYS A 102 14.28 -5.17 -28.22
CA LYS A 102 14.68 -4.46 -29.43
C LYS A 102 13.52 -3.66 -30.01
N ASN A 103 12.32 -4.21 -29.94
CA ASN A 103 11.13 -3.52 -30.44
C ASN A 103 10.86 -2.29 -29.57
N LEU A 104 11.06 -2.46 -28.27
CA LEU A 104 10.83 -1.40 -27.28
C LEU A 104 11.95 -0.36 -27.24
N GLN A 105 13.17 -0.81 -27.56
CA GLN A 105 14.36 0.03 -27.49
C GLN A 105 14.58 0.40 -26.02
N LEU A 106 14.46 -0.60 -25.16
CA LEU A 106 14.69 -0.46 -23.73
C LEU A 106 15.78 -1.47 -23.41
N ASP A 107 16.55 -1.23 -22.36
CA ASP A 107 17.64 -2.13 -22.00
C ASP A 107 17.17 -3.31 -21.16
N TYR A 108 16.05 -3.14 -20.47
CA TYR A 108 15.52 -4.20 -19.62
C TYR A 108 14.03 -3.96 -19.39
N VAL A 109 13.34 -5.00 -18.93
CA VAL A 109 11.93 -4.87 -18.59
C VAL A 109 11.92 -5.07 -17.08
N ASP A 110 11.04 -4.38 -16.38
CA ASP A 110 10.98 -4.54 -14.93
C ASP A 110 10.39 -5.88 -14.54
N LEU A 111 9.55 -6.43 -15.42
CA LEU A 111 8.90 -7.70 -15.16
C LEU A 111 8.64 -8.47 -16.46
N TYR A 112 8.99 -9.75 -16.46
CA TYR A 112 8.76 -10.61 -17.62
C TYR A 112 7.96 -11.81 -17.13
N LEU A 113 6.80 -12.06 -17.76
CA LEU A 113 5.94 -13.15 -17.33
C LEU A 113 5.72 -14.25 -18.37
N ILE A 114 5.41 -15.45 -17.89
CA ILE A 114 5.07 -16.53 -18.80
C ILE A 114 3.60 -16.15 -19.01
N HIS A 115 3.26 -15.75 -20.24
CA HIS A 115 1.91 -15.28 -20.55
C HIS A 115 0.76 -16.29 -20.37
N PHE A 116 0.95 -17.51 -20.87
CA PHE A 116 -0.09 -18.54 -20.76
C PHE A 116 0.64 -19.89 -20.66
N PRO A 117 0.19 -20.78 -19.77
CA PRO A 117 0.82 -22.09 -19.58
C PRO A 117 0.76 -23.13 -20.70
N VAL A 118 -0.13 -22.94 -21.67
CA VAL A 118 -0.23 -23.89 -22.78
C VAL A 118 0.74 -23.47 -23.89
N SER A 119 1.63 -24.38 -24.28
CA SER A 119 2.63 -24.08 -25.31
C SER A 119 2.17 -24.39 -26.73
N VAL A 120 2.66 -23.60 -27.70
CA VAL A 120 2.35 -23.81 -29.11
C VAL A 120 3.67 -23.93 -29.85
N LYS A 121 3.64 -24.47 -31.05
CA LYS A 121 4.84 -24.67 -31.87
C LYS A 121 5.63 -23.40 -32.15
N PRO A 122 6.97 -23.50 -32.14
CA PRO A 122 7.89 -22.38 -32.41
C PRO A 122 7.66 -21.77 -33.78
N GLY A 123 8.00 -20.48 -33.92
CA GLY A 123 7.83 -19.81 -35.19
C GLY A 123 7.32 -18.40 -35.01
N GLU A 124 7.20 -17.65 -36.11
CA GLU A 124 6.72 -16.29 -36.04
C GLU A 124 5.25 -16.18 -35.65
N GLU A 125 4.42 -17.07 -36.19
CA GLU A 125 2.99 -17.06 -35.89
C GLU A 125 2.71 -17.29 -34.42
N VAL A 126 1.95 -16.37 -33.82
CA VAL A 126 1.61 -16.47 -32.40
C VAL A 126 0.61 -17.60 -32.12
N ILE A 127 -0.24 -17.90 -33.10
CA ILE A 127 -1.20 -18.98 -32.98
C ILE A 127 -1.03 -19.85 -34.23
N PRO A 128 0.00 -20.70 -34.24
CA PRO A 128 0.30 -21.60 -35.36
C PRO A 128 -0.80 -22.64 -35.56
N LYS A 129 -1.22 -22.81 -36.80
CA LYS A 129 -2.27 -23.77 -37.13
C LYS A 129 -1.86 -24.60 -38.34
N ASP A 130 -2.28 -25.86 -38.39
CA ASP A 130 -1.96 -26.71 -39.53
C ASP A 130 -2.91 -26.42 -40.70
N GLU A 131 -2.74 -27.12 -41.80
CA GLU A 131 -3.56 -26.90 -42.99
C GLU A 131 -5.07 -27.05 -42.76
N ASN A 132 -5.44 -27.74 -41.68
CA ASN A 132 -6.84 -27.96 -41.36
C ASN A 132 -7.36 -27.08 -40.24
N GLY A 133 -6.60 -26.04 -39.91
CA GLY A 133 -7.01 -25.09 -38.88
C GLY A 133 -6.82 -25.50 -37.43
N LYS A 134 -6.18 -26.63 -37.20
CA LYS A 134 -5.95 -27.09 -35.83
C LYS A 134 -4.78 -26.35 -35.22
N ILE A 135 -4.91 -25.88 -33.98
CA ILE A 135 -3.80 -25.19 -33.34
C ILE A 135 -2.70 -26.23 -33.15
N LEU A 136 -1.47 -25.84 -33.44
CA LEU A 136 -0.32 -26.73 -33.30
C LEU A 136 0.27 -26.62 -31.90
N PHE A 137 -0.20 -27.48 -31.01
CA PHE A 137 0.28 -27.49 -29.62
C PHE A 137 1.67 -28.08 -29.54
N ASP A 138 2.41 -27.69 -28.50
CA ASP A 138 3.77 -28.18 -28.31
C ASP A 138 3.89 -28.70 -26.88
N THR A 139 4.74 -29.71 -26.69
CA THR A 139 4.95 -30.29 -25.37
C THR A 139 6.24 -29.70 -24.78
N VAL A 140 6.08 -28.90 -23.74
CA VAL A 140 7.23 -28.26 -23.09
C VAL A 140 7.10 -28.31 -21.57
N ASP A 141 8.20 -28.62 -20.90
CA ASP A 141 8.23 -28.69 -19.45
C ASP A 141 8.34 -27.24 -18.94
N LEU A 142 7.25 -26.68 -18.43
CA LEU A 142 7.27 -25.31 -17.94
C LEU A 142 8.33 -25.06 -16.87
N CYS A 143 8.72 -26.08 -16.13
CA CYS A 143 9.74 -25.89 -15.11
C CYS A 143 11.04 -25.53 -15.81
N ALA A 144 11.23 -26.06 -17.02
CA ALA A 144 12.41 -25.77 -17.81
C ALA A 144 12.28 -24.36 -18.37
N THR A 145 11.06 -23.97 -18.71
CA THR A 145 10.83 -22.63 -19.23
C THR A 145 11.19 -21.66 -18.13
N TRP A 146 10.80 -22.00 -16.90
CA TRP A 146 11.06 -21.14 -15.75
C TRP A 146 12.56 -20.96 -15.48
N GLU A 147 13.33 -22.04 -15.61
CA GLU A 147 14.76 -21.93 -15.41
C GLU A 147 15.36 -20.93 -16.39
N ALA A 148 14.81 -20.92 -17.61
CA ALA A 148 15.27 -20.00 -18.64
C ALA A 148 14.88 -18.57 -18.26
N MET A 149 13.77 -18.43 -17.54
CA MET A 149 13.31 -17.13 -17.08
C MET A 149 14.23 -16.65 -15.97
N GLU A 150 14.58 -17.55 -15.06
CA GLU A 150 15.47 -17.21 -13.96
C GLU A 150 16.80 -16.69 -14.49
N LYS A 151 17.28 -17.29 -15.57
CA LYS A 151 18.55 -16.87 -16.18
C LYS A 151 18.43 -15.48 -16.77
N CYS A 152 17.23 -15.14 -17.24
CA CYS A 152 17.01 -13.82 -17.80
C CYS A 152 17.09 -12.80 -16.67
N LYS A 153 16.67 -13.18 -15.48
CA LYS A 153 16.74 -12.28 -14.32
C LYS A 153 18.19 -12.10 -13.91
N ASP A 154 18.94 -13.20 -13.85
CA ASP A 154 20.34 -13.12 -13.47
C ASP A 154 21.14 -12.32 -14.51
N ALA A 155 20.65 -12.29 -15.75
CA ALA A 155 21.34 -11.55 -16.81
C ALA A 155 20.99 -10.06 -16.80
N GLY A 156 20.06 -9.66 -15.93
CA GLY A 156 19.67 -8.26 -15.84
C GLY A 156 18.73 -7.79 -16.95
N LEU A 157 18.24 -8.72 -17.76
CA LEU A 157 17.33 -8.37 -18.85
C LEU A 157 15.93 -8.14 -18.30
N ALA A 158 15.63 -8.81 -17.19
CA ALA A 158 14.34 -8.69 -16.52
C ALA A 158 14.63 -8.52 -15.03
N LYS A 159 14.13 -7.45 -14.42
CA LYS A 159 14.38 -7.22 -13.00
C LYS A 159 13.69 -8.27 -12.14
N SER A 160 12.43 -8.59 -12.47
CA SER A 160 11.67 -9.59 -11.74
C SER A 160 11.00 -10.49 -12.77
N ILE A 161 10.62 -11.69 -12.36
CA ILE A 161 9.96 -12.62 -13.26
C ILE A 161 8.73 -13.17 -12.55
N GLY A 162 7.68 -13.41 -13.34
CA GLY A 162 6.46 -13.93 -12.75
C GLY A 162 5.71 -14.73 -13.77
N VAL A 163 4.45 -15.05 -13.45
CA VAL A 163 3.61 -15.83 -14.33
C VAL A 163 2.25 -15.18 -14.49
N SER A 164 1.47 -15.69 -15.43
CA SER A 164 0.14 -15.17 -15.70
C SER A 164 -0.74 -16.34 -16.10
N ASN A 165 -1.98 -16.31 -15.65
CA ASN A 165 -2.94 -17.36 -15.98
C ASN A 165 -2.53 -18.74 -15.47
N PHE A 166 -1.85 -18.77 -14.33
CA PHE A 166 -1.45 -20.02 -13.70
C PHE A 166 -2.47 -20.34 -12.62
N ASN A 167 -2.72 -21.64 -12.41
CA ASN A 167 -3.66 -22.05 -11.39
C ASN A 167 -2.87 -22.59 -10.19
N HIS A 168 -3.60 -23.11 -9.21
CA HIS A 168 -2.99 -23.66 -8.00
C HIS A 168 -1.92 -24.72 -8.35
N ARG A 169 -2.31 -25.71 -9.16
CA ARG A 169 -1.38 -26.77 -9.53
C ARG A 169 -0.12 -26.27 -10.22
N LEU A 170 -0.28 -25.36 -11.17
CA LEU A 170 0.84 -24.82 -11.92
C LEU A 170 1.79 -24.02 -11.04
N LEU A 171 1.24 -23.24 -10.12
CA LEU A 171 2.08 -22.46 -9.21
C LEU A 171 2.86 -23.42 -8.33
N GLU A 172 2.16 -24.35 -7.70
CA GLU A 172 2.81 -25.35 -6.85
C GLU A 172 3.93 -26.04 -7.63
N MET A 173 3.65 -26.36 -8.88
CA MET A 173 4.63 -27.04 -9.73
C MET A 173 5.92 -26.23 -9.79
N ILE A 174 5.79 -24.91 -9.89
CA ILE A 174 6.95 -24.04 -9.94
C ILE A 174 7.60 -23.91 -8.56
N LEU A 175 6.77 -23.65 -7.55
CA LEU A 175 7.25 -23.47 -6.19
C LEU A 175 7.91 -24.72 -5.60
N ASN A 176 7.48 -25.90 -6.07
CA ASN A 176 8.03 -27.17 -5.59
C ASN A 176 9.14 -27.71 -6.48
N LYS A 177 9.51 -26.93 -7.49
CA LYS A 177 10.55 -27.33 -8.43
C LYS A 177 11.91 -27.47 -7.76
N PRO A 178 12.56 -28.64 -7.92
CA PRO A 178 13.88 -28.85 -7.32
C PRO A 178 14.88 -27.83 -7.85
N GLY A 179 15.65 -27.22 -6.95
CA GLY A 179 16.63 -26.25 -7.37
C GLY A 179 16.08 -24.87 -7.72
N LEU A 180 14.82 -24.63 -7.38
CA LEU A 180 14.19 -23.34 -7.66
C LEU A 180 15.05 -22.22 -7.09
N LYS A 181 15.31 -21.20 -7.91
CA LYS A 181 16.11 -20.06 -7.47
C LYS A 181 15.26 -18.83 -7.16
N TYR A 182 14.26 -18.55 -8.00
CA TYR A 182 13.39 -17.40 -7.81
C TYR A 182 11.91 -17.75 -7.90
N LYS A 183 11.16 -17.46 -6.85
CA LYS A 183 9.72 -17.71 -6.87
C LYS A 183 9.15 -16.66 -7.82
N PRO A 184 7.98 -16.95 -8.42
CA PRO A 184 7.45 -15.90 -9.29
C PRO A 184 7.00 -14.77 -8.36
N VAL A 185 7.19 -13.53 -8.78
CA VAL A 185 6.79 -12.41 -7.93
C VAL A 185 5.29 -12.17 -7.99
N CYS A 186 4.66 -12.66 -9.05
CA CYS A 186 3.24 -12.45 -9.22
C CYS A 186 2.59 -13.49 -10.10
N ASN A 187 1.26 -13.41 -10.13
CA ASN A 187 0.43 -14.26 -10.97
C ASN A 187 -0.64 -13.32 -11.48
N GLN A 188 -0.49 -12.88 -12.72
CA GLN A 188 -1.46 -11.97 -13.32
C GLN A 188 -2.62 -12.78 -13.87
N VAL A 189 -3.79 -12.56 -13.29
CA VAL A 189 -4.99 -13.28 -13.70
C VAL A 189 -6.22 -12.39 -13.71
N GLU A 190 -7.28 -12.85 -14.35
CA GLU A 190 -8.53 -12.11 -14.41
C GLU A 190 -9.05 -11.97 -12.98
N CYS A 191 -9.44 -10.75 -12.61
CA CYS A 191 -9.98 -10.53 -11.27
C CYS A 191 -10.82 -9.25 -11.19
N HIS A 192 -12.05 -9.40 -10.72
CA HIS A 192 -13.00 -8.30 -10.59
C HIS A 192 -14.11 -8.75 -9.62
N PRO A 193 -15.05 -7.86 -9.28
CA PRO A 193 -16.13 -8.22 -8.35
C PRO A 193 -17.00 -9.43 -8.73
N TYR A 194 -17.06 -9.79 -10.00
CA TYR A 194 -17.87 -10.94 -10.41
C TYR A 194 -17.06 -12.24 -10.43
N PHE A 195 -15.76 -12.11 -10.16
CA PHE A 195 -14.87 -13.27 -10.14
C PHE A 195 -13.68 -12.77 -9.32
N ASN A 196 -13.88 -12.66 -8.00
CA ASN A 196 -12.86 -12.11 -7.13
C ASN A 196 -11.66 -12.96 -6.74
N GLN A 197 -11.59 -14.18 -7.26
CA GLN A 197 -10.44 -15.06 -7.01
C GLN A 197 -10.04 -15.23 -5.54
N ARG A 198 -11.01 -15.12 -4.64
N ARG A 198 -11.01 -15.12 -4.64
CA ARG A 198 -10.74 -15.26 -3.21
CA ARG A 198 -10.75 -15.25 -3.21
C ARG A 198 -9.76 -16.39 -2.90
C ARG A 198 -9.77 -16.39 -2.87
N LYS A 199 -10.09 -17.61 -3.31
CA LYS A 199 -9.24 -18.76 -3.03
C LYS A 199 -7.81 -18.65 -3.59
N LEU A 200 -7.69 -18.31 -4.86
CA LEU A 200 -6.36 -18.18 -5.46
C LEU A 200 -5.59 -17.04 -4.81
N LEU A 201 -6.31 -15.98 -4.47
CA LEU A 201 -5.69 -14.83 -3.82
C LEU A 201 -5.06 -15.23 -2.48
N ASP A 202 -5.82 -15.94 -1.66
CA ASP A 202 -5.29 -16.36 -0.37
C ASP A 202 -4.05 -17.25 -0.55
N PHE A 203 -4.11 -18.14 -1.54
CA PHE A 203 -2.96 -19.01 -1.81
C PHE A 203 -1.75 -18.18 -2.15
N CYS A 204 -1.93 -17.22 -3.06
CA CYS A 204 -0.82 -16.36 -3.44
C CYS A 204 -0.28 -15.60 -2.23
N LYS A 205 -1.18 -15.09 -1.39
CA LYS A 205 -0.75 -14.37 -0.20
C LYS A 205 0.09 -15.26 0.71
N SER A 206 -0.32 -16.52 0.87
CA SER A 206 0.40 -17.44 1.75
C SER A 206 1.81 -17.75 1.25
N LYS A 207 2.10 -17.39 0.00
CA LYS A 207 3.42 -17.64 -0.59
C LYS A 207 4.09 -16.31 -0.95
N ASP A 208 3.48 -15.23 -0.49
CA ASP A 208 3.95 -13.87 -0.76
C ASP A 208 4.09 -13.61 -2.26
N ILE A 209 3.10 -14.07 -3.01
CA ILE A 209 3.06 -13.86 -4.45
C ILE A 209 1.97 -12.84 -4.64
N VAL A 210 2.26 -11.80 -5.43
CA VAL A 210 1.29 -10.74 -5.66
C VAL A 210 0.32 -11.11 -6.78
N LEU A 211 -0.97 -10.95 -6.55
CA LEU A 211 -1.93 -11.24 -7.60
C LEU A 211 -2.15 -9.90 -8.33
N VAL A 212 -1.95 -9.91 -9.65
CA VAL A 212 -2.17 -8.71 -10.46
C VAL A 212 -3.44 -8.98 -11.25
N ALA A 213 -4.43 -8.12 -11.05
CA ALA A 213 -5.72 -8.28 -11.70
C ALA A 213 -5.89 -7.64 -13.06
N TYR A 214 -6.28 -8.45 -14.05
CA TYR A 214 -6.56 -7.92 -15.37
C TYR A 214 -8.07 -8.05 -15.57
N SER A 215 -8.63 -7.27 -16.49
CA SER A 215 -10.07 -7.27 -16.72
C SER A 215 -10.77 -6.84 -15.44
N ALA A 216 -10.09 -6.00 -14.66
CA ALA A 216 -10.63 -5.51 -13.39
C ALA A 216 -11.89 -4.67 -13.59
N LEU A 217 -12.06 -4.16 -14.80
CA LEU A 217 -13.23 -3.33 -15.09
C LEU A 217 -14.28 -4.05 -15.91
N GLY A 218 -14.13 -5.36 -16.06
CA GLY A 218 -15.09 -6.15 -16.80
C GLY A 218 -14.68 -6.51 -18.22
N SER A 219 -13.39 -6.32 -18.53
CA SER A 219 -12.83 -6.63 -19.84
C SER A 219 -13.42 -5.80 -20.98
N HIS A 220 -12.81 -5.93 -22.15
CA HIS A 220 -13.24 -5.22 -23.35
C HIS A 220 -14.54 -5.79 -23.90
N ARG A 221 -14.85 -7.02 -23.50
CA ARG A 221 -16.08 -7.68 -23.94
C ARG A 221 -16.12 -7.90 -25.45
N GLU A 222 -14.94 -8.07 -26.05
CA GLU A 222 -14.84 -8.28 -27.49
C GLU A 222 -14.85 -9.75 -27.89
N GLU A 223 -15.51 -10.04 -29.00
CA GLU A 223 -15.59 -11.39 -29.52
C GLU A 223 -14.41 -11.62 -30.46
N PRO A 224 -14.00 -12.88 -30.66
CA PRO A 224 -14.57 -14.09 -30.06
C PRO A 224 -13.89 -14.49 -28.76
N TRP A 225 -13.26 -13.53 -28.08
CA TRP A 225 -12.57 -13.85 -26.84
C TRP A 225 -13.46 -13.77 -25.60
N VAL A 226 -14.51 -12.97 -25.66
CA VAL A 226 -15.44 -12.82 -24.54
C VAL A 226 -16.87 -12.93 -25.05
N ASP A 227 -17.72 -13.63 -24.29
CA ASP A 227 -19.12 -13.82 -24.66
C ASP A 227 -19.96 -12.57 -24.35
N PRO A 228 -20.61 -12.02 -25.39
CA PRO A 228 -21.46 -10.83 -25.25
C PRO A 228 -22.65 -11.00 -24.31
N ASN A 229 -23.03 -12.26 -24.06
CA ASN A 229 -24.15 -12.54 -23.16
C ASN A 229 -23.74 -12.44 -21.70
N SER A 230 -22.44 -12.22 -21.48
CA SER A 230 -21.91 -12.10 -20.12
C SER A 230 -22.39 -10.79 -19.50
N PRO A 231 -22.62 -10.79 -18.17
CA PRO A 231 -23.08 -9.58 -17.46
C PRO A 231 -22.10 -8.41 -17.66
N VAL A 232 -22.63 -7.19 -17.58
CA VAL A 232 -21.80 -6.01 -17.73
C VAL A 232 -21.43 -5.52 -16.32
N LEU A 233 -20.19 -5.78 -15.91
CA LEU A 233 -19.72 -5.40 -14.58
C LEU A 233 -20.02 -3.96 -14.17
N LEU A 234 -19.55 -3.00 -14.94
CA LEU A 234 -19.74 -1.59 -14.61
C LEU A 234 -21.19 -1.12 -14.51
N GLU A 235 -22.12 -1.97 -14.93
CA GLU A 235 -23.53 -1.61 -14.87
C GLU A 235 -24.19 -2.19 -13.63
N ASP A 236 -23.40 -2.88 -12.81
CA ASP A 236 -23.92 -3.50 -11.59
C ASP A 236 -24.51 -2.44 -10.66
N PRO A 237 -25.72 -2.71 -10.12
CA PRO A 237 -26.41 -1.79 -9.21
C PRO A 237 -25.67 -1.43 -7.93
N VAL A 238 -24.96 -2.39 -7.34
CA VAL A 238 -24.22 -2.13 -6.11
C VAL A 238 -23.04 -1.19 -6.37
N LEU A 239 -22.31 -1.43 -7.46
CA LEU A 239 -21.18 -0.59 -7.80
C LEU A 239 -21.66 0.82 -8.14
N CYS A 240 -22.79 0.91 -8.85
N CYS A 240 -22.79 0.90 -8.83
CA CYS A 240 -23.36 2.21 -9.21
CA CYS A 240 -23.38 2.17 -9.21
C CYS A 240 -23.78 2.98 -7.97
C CYS A 240 -23.79 2.96 -7.98
N ALA A 241 -24.36 2.27 -7.00
CA ALA A 241 -24.81 2.89 -5.76
C ALA A 241 -23.63 3.45 -4.98
N LEU A 242 -22.59 2.62 -4.83
CA LEU A 242 -21.38 3.02 -4.11
C LEU A 242 -20.70 4.19 -4.81
N ALA A 243 -20.72 4.18 -6.13
CA ALA A 243 -20.09 5.24 -6.90
C ALA A 243 -20.80 6.56 -6.58
N LYS A 244 -22.11 6.53 -6.61
CA LYS A 244 -22.92 7.72 -6.33
C LYS A 244 -22.64 8.21 -4.91
N LYS A 245 -22.58 7.28 -3.97
CA LYS A 245 -22.33 7.59 -2.57
C LYS A 245 -20.97 8.26 -2.34
N HIS A 246 -19.94 7.76 -3.01
CA HIS A 246 -18.59 8.32 -2.87
C HIS A 246 -18.32 9.45 -3.85
N LYS A 247 -19.25 9.71 -4.76
CA LYS A 247 -19.09 10.75 -5.76
C LYS A 247 -17.95 10.34 -6.70
N ARG A 248 -17.92 9.07 -7.05
CA ARG A 248 -16.89 8.53 -7.94
C ARG A 248 -17.59 7.82 -9.10
N THR A 249 -16.98 6.75 -9.59
CA THR A 249 -17.54 5.99 -10.71
C THR A 249 -17.49 4.50 -10.41
N PRO A 250 -18.33 3.70 -11.09
CA PRO A 250 -18.31 2.26 -10.86
C PRO A 250 -16.91 1.70 -11.09
N ALA A 251 -16.24 2.21 -12.12
CA ALA A 251 -14.89 1.76 -12.43
C ALA A 251 -13.94 2.03 -11.27
N LEU A 252 -14.01 3.23 -10.71
CA LEU A 252 -13.15 3.57 -9.58
C LEU A 252 -13.42 2.68 -8.37
N ILE A 253 -14.70 2.37 -8.13
CA ILE A 253 -15.05 1.53 -7.00
C ILE A 253 -14.43 0.15 -7.21
N ALA A 254 -14.55 -0.37 -8.43
CA ALA A 254 -14.00 -1.68 -8.78
C ALA A 254 -12.48 -1.70 -8.60
N LEU A 255 -11.82 -0.60 -8.95
CA LEU A 255 -10.37 -0.54 -8.81
C LEU A 255 -9.95 -0.43 -7.34
N ARG A 256 -10.62 0.44 -6.58
CA ARG A 256 -10.29 0.62 -5.16
C ARG A 256 -10.49 -0.69 -4.41
N TYR A 257 -11.52 -1.44 -4.80
CA TYR A 257 -11.82 -2.74 -4.20
C TYR A 257 -10.57 -3.64 -4.20
N GLN A 258 -9.91 -3.72 -5.36
CA GLN A 258 -8.72 -4.55 -5.50
C GLN A 258 -7.56 -4.06 -4.64
N LEU A 259 -7.30 -2.75 -4.67
CA LEU A 259 -6.20 -2.20 -3.89
C LEU A 259 -6.37 -2.47 -2.40
N GLN A 260 -7.60 -2.42 -1.90
CA GLN A 260 -7.80 -2.65 -0.48
C GLN A 260 -7.75 -4.10 -0.05
N ARG A 261 -7.83 -5.02 -1.01
CA ARG A 261 -7.78 -6.44 -0.66
C ARG A 261 -6.38 -6.99 -0.94
N GLY A 262 -5.44 -6.09 -1.22
CA GLY A 262 -4.06 -6.48 -1.46
C GLY A 262 -3.66 -6.84 -2.88
N VAL A 263 -4.54 -6.57 -3.82
CA VAL A 263 -4.29 -6.88 -5.22
C VAL A 263 -3.72 -5.69 -5.99
N VAL A 264 -2.74 -5.95 -6.86
CA VAL A 264 -2.20 -4.90 -7.72
C VAL A 264 -3.15 -4.94 -8.90
N VAL A 265 -3.68 -3.78 -9.29
CA VAL A 265 -4.67 -3.74 -10.35
C VAL A 265 -4.31 -2.99 -11.61
N LEU A 266 -4.70 -3.56 -12.75
CA LEU A 266 -4.45 -2.95 -14.04
C LEU A 266 -5.75 -2.30 -14.52
N ALA A 267 -5.62 -1.29 -15.38
CA ALA A 267 -6.77 -0.62 -15.92
C ALA A 267 -6.39 -0.09 -17.30
N LYS A 268 -7.11 -0.54 -18.32
CA LYS A 268 -6.84 -0.10 -19.68
C LYS A 268 -7.85 0.94 -20.13
N SER A 269 -7.35 1.98 -20.80
CA SER A 269 -8.20 3.02 -21.33
C SER A 269 -7.42 3.80 -22.37
N TYR A 270 -8.07 4.11 -23.48
CA TYR A 270 -7.44 4.86 -24.55
C TYR A 270 -8.14 6.22 -24.65
N ASN A 271 -8.99 6.49 -23.66
CA ASN A 271 -9.74 7.74 -23.58
C ASN A 271 -9.06 8.65 -22.56
N GLU A 272 -8.62 9.83 -23.00
CA GLU A 272 -7.93 10.77 -22.12
C GLU A 272 -8.64 11.03 -20.79
N GLN A 273 -9.94 11.27 -20.84
CA GLN A 273 -10.71 11.54 -19.64
C GLN A 273 -10.70 10.37 -18.66
N ARG A 274 -10.98 9.17 -19.15
CA ARG A 274 -11.01 8.00 -18.29
C ARG A 274 -9.62 7.61 -17.76
N ILE A 275 -8.59 7.91 -18.54
CA ILE A 275 -7.22 7.61 -18.10
C ILE A 275 -6.93 8.42 -16.84
N ARG A 276 -7.21 9.72 -16.91
CA ARG A 276 -6.98 10.61 -15.77
C ARG A 276 -7.90 10.27 -14.61
N GLN A 277 -9.09 9.77 -14.91
CA GLN A 277 -10.06 9.40 -13.88
C GLN A 277 -9.60 8.22 -13.05
N ASN A 278 -9.04 7.21 -13.70
CA ASN A 278 -8.62 6.01 -12.97
C ASN A 278 -7.55 6.24 -11.91
N VAL A 279 -6.74 7.28 -12.08
CA VAL A 279 -5.70 7.61 -11.11
C VAL A 279 -6.32 8.17 -9.83
N GLN A 280 -7.62 8.48 -9.88
CA GLN A 280 -8.33 9.00 -8.71
C GLN A 280 -8.52 7.90 -7.67
N VAL A 281 -8.17 6.67 -8.03
CA VAL A 281 -8.33 5.55 -7.11
C VAL A 281 -7.58 5.77 -5.79
N PHE A 282 -6.61 6.67 -5.80
CA PHE A 282 -5.82 6.95 -4.61
C PHE A 282 -6.41 8.10 -3.80
N GLU A 283 -7.53 8.64 -4.27
CA GLU A 283 -8.19 9.77 -3.62
C GLU A 283 -9.29 9.46 -2.61
N PHE A 284 -9.65 8.18 -2.46
CA PHE A 284 -10.69 7.82 -1.51
C PHE A 284 -10.50 6.40 -1.00
N GLN A 285 -11.32 5.99 -0.03
CA GLN A 285 -11.23 4.65 0.55
C GLN A 285 -12.63 4.08 0.81
N LEU A 286 -12.73 2.75 0.83
CA LEU A 286 -14.00 2.07 1.07
C LEU A 286 -13.99 1.51 2.50
N THR A 287 -15.15 1.54 3.15
CA THR A 287 -15.29 1.03 4.52
C THR A 287 -15.39 -0.49 4.49
N SER A 288 -15.36 -1.12 5.65
CA SER A 288 -15.44 -2.57 5.73
C SER A 288 -16.80 -3.05 5.20
N GLU A 289 -17.88 -2.34 5.54
CA GLU A 289 -19.20 -2.74 5.08
C GLU A 289 -19.32 -2.64 3.56
N GLU A 290 -18.69 -1.64 2.97
CA GLU A 290 -18.72 -1.47 1.52
C GLU A 290 -17.91 -2.56 0.83
N MET A 291 -16.75 -2.91 1.40
CA MET A 291 -15.91 -3.96 0.84
C MET A 291 -16.66 -5.29 0.88
N LYS A 292 -17.41 -5.52 1.95
CA LYS A 292 -18.19 -6.75 2.08
C LYS A 292 -19.31 -6.75 1.05
N ALA A 293 -19.87 -5.57 0.79
CA ALA A 293 -20.94 -5.42 -0.19
C ALA A 293 -20.43 -5.85 -1.56
N ILE A 294 -19.19 -5.49 -1.86
CA ILE A 294 -18.58 -5.85 -3.14
C ILE A 294 -18.23 -7.33 -3.18
N ASP A 295 -17.79 -7.88 -2.04
CA ASP A 295 -17.47 -9.31 -2.00
C ASP A 295 -18.71 -10.11 -2.38
N GLY A 296 -19.86 -9.60 -1.98
CA GLY A 296 -21.12 -10.27 -2.25
C GLY A 296 -21.52 -10.34 -3.71
N LEU A 297 -20.83 -9.61 -4.58
CA LEU A 297 -21.16 -9.61 -6.01
C LEU A 297 -20.53 -10.80 -6.74
N ASN A 298 -19.59 -11.48 -6.08
CA ASN A 298 -18.91 -12.61 -6.69
C ASN A 298 -19.93 -13.59 -7.25
N ARG A 299 -19.73 -14.02 -8.50
CA ARG A 299 -20.69 -14.94 -9.11
C ARG A 299 -20.10 -15.91 -10.13
N ASN A 300 -18.84 -16.25 -9.96
CA ASN A 300 -18.16 -17.19 -10.85
C ASN A 300 -18.32 -16.85 -12.33
N VAL A 301 -18.12 -15.58 -12.67
CA VAL A 301 -18.21 -15.14 -14.05
C VAL A 301 -16.82 -14.85 -14.59
N ARG A 302 -16.29 -15.79 -15.39
CA ARG A 302 -14.96 -15.61 -15.98
C ARG A 302 -15.15 -15.15 -17.42
N TYR A 303 -14.69 -13.92 -17.71
CA TYR A 303 -14.83 -13.35 -19.05
C TYR A 303 -13.86 -13.91 -20.08
N LEU A 304 -12.62 -14.17 -19.67
CA LEU A 304 -11.62 -14.67 -20.60
C LEU A 304 -11.28 -16.13 -20.36
N THR A 305 -11.85 -17.02 -21.17
CA THR A 305 -11.60 -18.45 -21.02
C THR A 305 -10.43 -18.92 -21.89
N LEU A 306 -10.18 -18.24 -23.00
CA LEU A 306 -9.11 -18.64 -23.92
C LEU A 306 -9.24 -20.15 -24.15
N ASP A 307 -10.47 -20.61 -24.35
CA ASP A 307 -10.71 -22.04 -24.56
C ASP A 307 -10.17 -22.63 -25.86
N ILE A 308 -9.66 -21.78 -26.76
CA ILE A 308 -9.09 -22.32 -27.99
C ILE A 308 -7.84 -23.08 -27.60
N PHE A 309 -7.35 -22.81 -26.39
CA PHE A 309 -6.15 -23.46 -25.87
C PHE A 309 -6.50 -24.60 -24.93
N ALA A 310 -7.79 -24.92 -24.82
CA ALA A 310 -8.25 -26.00 -23.95
C ALA A 310 -7.91 -27.33 -24.62
N GLY A 311 -7.69 -28.36 -23.81
CA GLY A 311 -7.33 -29.67 -24.33
C GLY A 311 -6.09 -30.16 -23.64
N PRO A 312 -4.94 -29.50 -23.86
CA PRO A 312 -3.68 -29.89 -23.22
C PRO A 312 -3.81 -29.88 -21.70
N PRO A 313 -3.00 -30.69 -21.00
CA PRO A 313 -3.05 -30.75 -19.54
C PRO A 313 -2.81 -29.42 -18.83
N ASN A 314 -2.00 -28.54 -19.44
CA ASN A 314 -1.72 -27.25 -18.81
C ASN A 314 -2.82 -26.19 -18.90
N TYR A 315 -3.92 -26.48 -19.59
CA TYR A 315 -5.00 -25.50 -19.67
C TYR A 315 -5.29 -25.21 -18.19
N PRO A 316 -5.21 -23.93 -17.78
CA PRO A 316 -5.44 -23.52 -16.39
C PRO A 316 -6.83 -23.38 -15.77
N PHE A 317 -7.86 -23.16 -16.57
CA PHE A 317 -9.18 -22.92 -15.99
C PHE A 317 -10.13 -24.07 -15.71
N SER A 318 -9.66 -25.31 -15.86
CA SER A 318 -10.50 -26.46 -15.60
C SER A 318 -10.62 -26.74 -14.09
N ASP A 319 -9.51 -26.58 -13.38
CA ASP A 319 -9.49 -26.81 -11.94
C ASP A 319 -10.34 -25.79 -11.20
N GLU A 320 -10.70 -26.10 -9.96
CA GLU A 320 -11.49 -25.19 -9.13
C GLU A 320 -10.77 -23.85 -9.11
N TYR A 321 -9.47 -23.89 -8.86
CA TYR A 321 -8.63 -22.70 -8.84
C TYR A 321 -7.19 -23.15 -9.01
N SER B 1 15.70 3.52 -1.43
CA SER B 1 15.31 4.20 -2.69
C SER B 1 13.79 4.19 -2.87
N LYS B 2 13.21 3.00 -2.85
CA LYS B 2 11.77 2.83 -2.98
C LYS B 2 11.22 2.10 -1.76
N TYR B 3 10.00 2.43 -1.36
CA TYR B 3 9.36 1.81 -0.20
C TYR B 3 7.87 2.07 -0.22
N GLN B 4 7.13 1.31 0.58
CA GLN B 4 5.68 1.42 0.64
C GLN B 4 5.11 2.63 1.37
N CYS B 5 4.34 3.43 0.64
N CYS B 5 4.28 3.40 0.67
CA CYS B 5 3.69 4.64 1.17
CA CYS B 5 3.66 4.57 1.27
C CYS B 5 2.24 4.75 0.75
C CYS B 5 2.19 4.63 0.88
N VAL B 6 1.48 5.60 1.44
CA VAL B 6 0.08 5.80 1.15
C VAL B 6 -0.12 7.29 0.82
N LYS B 7 -0.98 7.59 -0.13
CA LYS B 7 -1.22 8.99 -0.49
C LYS B 7 -2.20 9.63 0.49
N LEU B 8 -1.80 10.75 1.09
CA LEU B 8 -2.64 11.47 2.05
C LEU B 8 -3.64 12.37 1.34
N ASN B 9 -4.67 12.80 2.05
CA ASN B 9 -5.68 13.64 1.40
C ASN B 9 -5.22 15.04 0.98
N ASP B 10 -3.95 15.38 1.24
CA ASP B 10 -3.43 16.68 0.83
C ASP B 10 -2.39 16.53 -0.29
N GLY B 11 -2.30 15.32 -0.84
CA GLY B 11 -1.35 15.07 -1.91
C GLY B 11 0.02 14.57 -1.50
N HIS B 12 0.38 14.70 -0.23
CA HIS B 12 1.68 14.23 0.23
C HIS B 12 1.65 12.72 0.49
N PHE B 13 2.83 12.10 0.61
CA PHE B 13 2.89 10.66 0.83
C PHE B 13 3.52 10.27 2.17
N MET B 14 2.88 9.32 2.85
CA MET B 14 3.32 8.82 4.15
C MET B 14 3.75 7.34 4.10
N PRO B 15 4.96 7.03 4.59
CA PRO B 15 5.44 5.64 4.60
C PRO B 15 4.51 4.86 5.55
N VAL B 16 4.10 3.65 5.17
CA VAL B 16 3.16 2.88 5.98
C VAL B 16 3.69 2.29 7.29
N LEU B 17 5.01 2.24 7.43
CA LEU B 17 5.62 1.75 8.66
C LEU B 17 6.45 2.88 9.27
N GLY B 18 6.12 3.25 10.50
CA GLY B 18 6.84 4.31 11.17
C GLY B 18 7.57 3.83 12.42
N PHE B 19 8.61 4.58 12.79
CA PHE B 19 9.41 4.25 13.96
C PHE B 19 9.04 5.14 15.16
N GLY B 20 8.59 4.53 16.25
CA GLY B 20 8.23 5.28 17.44
C GLY B 20 9.46 5.68 18.23
N THR B 21 9.45 6.88 18.80
CA THR B 21 10.60 7.37 19.58
C THR B 21 10.34 7.67 21.06
N ALA B 22 9.11 7.46 21.51
CA ALA B 22 8.79 7.73 22.91
C ALA B 22 9.44 6.68 23.81
N ALA B 23 10.17 7.14 24.82
CA ALA B 23 10.85 6.24 25.75
C ALA B 23 10.58 6.66 27.19
N PRO B 24 10.59 5.68 28.12
CA PRO B 24 10.35 5.94 29.53
C PRO B 24 11.23 7.05 30.09
N ALA B 25 10.74 7.76 31.09
CA ALA B 25 11.48 8.86 31.71
C ALA B 25 12.85 8.42 32.22
N GLU B 26 12.92 7.20 32.75
CA GLU B 26 14.17 6.67 33.28
C GLU B 26 15.05 6.06 32.19
N VAL B 27 15.07 6.70 31.03
CA VAL B 27 15.88 6.24 29.91
C VAL B 27 16.62 7.42 29.31
N PRO B 28 17.96 7.37 29.30
CA PRO B 28 18.79 8.45 28.75
C PRO B 28 18.30 8.87 27.37
N LYS B 29 18.42 10.16 27.06
CA LYS B 29 17.99 10.66 25.77
C LYS B 29 18.93 10.18 24.66
N SER B 30 20.16 9.85 25.03
CA SER B 30 21.14 9.37 24.06
C SER B 30 20.68 8.07 23.43
N LYS B 31 19.73 7.39 24.08
CA LYS B 31 19.22 6.12 23.57
C LYS B 31 18.37 6.37 22.32
N ALA B 32 17.76 7.54 22.24
CA ALA B 32 16.92 7.88 21.09
C ALA B 32 17.81 8.19 19.90
N LEU B 33 18.94 8.85 20.15
CA LEU B 33 19.88 9.22 19.10
C LEU B 33 20.36 7.97 18.37
N GLU B 34 20.70 6.95 19.13
CA GLU B 34 21.21 5.69 18.58
C GLU B 34 20.09 4.89 17.90
N ALA B 35 18.94 4.82 18.56
CA ALA B 35 17.79 4.07 18.04
C ALA B 35 17.36 4.57 16.66
N VAL B 36 17.11 5.87 16.53
CA VAL B 36 16.69 6.45 15.26
C VAL B 36 17.70 6.17 14.16
N LYS B 37 18.99 6.23 14.48
CA LYS B 37 20.02 5.97 13.48
C LYS B 37 19.88 4.54 12.98
N LEU B 38 19.67 3.61 13.90
CA LEU B 38 19.51 2.20 13.53
C LEU B 38 18.24 1.99 12.72
N ALA B 39 17.15 2.65 13.14
CA ALA B 39 15.87 2.53 12.44
C ALA B 39 16.03 2.95 10.98
N ILE B 40 16.73 4.06 10.77
CA ILE B 40 16.94 4.56 9.43
C ILE B 40 17.77 3.58 8.60
N GLU B 41 18.77 2.98 9.24
CA GLU B 41 19.61 2.00 8.56
C GLU B 41 18.82 0.75 8.21
N ALA B 42 17.92 0.37 9.10
CA ALA B 42 17.09 -0.82 8.90
C ALA B 42 16.09 -0.62 7.76
N GLY B 43 15.82 0.64 7.42
CA GLY B 43 14.89 0.89 6.34
C GLY B 43 13.66 1.71 6.70
N PHE B 44 13.57 2.20 7.93
CA PHE B 44 12.43 3.03 8.33
C PHE B 44 12.60 4.37 7.61
N HIS B 45 11.51 4.89 7.04
CA HIS B 45 11.56 6.17 6.35
C HIS B 45 10.58 7.14 6.99
N HIS B 46 9.92 6.68 8.05
CA HIS B 46 8.92 7.45 8.77
C HIS B 46 9.32 7.43 10.26
N ILE B 47 9.57 8.62 10.81
N ILE B 47 9.57 8.62 10.81
CA ILE B 47 9.98 8.77 12.20
CA ILE B 47 9.98 8.77 12.20
C ILE B 47 8.94 9.58 12.96
C ILE B 47 8.95 9.59 12.96
N ASP B 48 8.49 9.06 14.09
CA ASP B 48 7.47 9.73 14.89
C ASP B 48 7.93 10.19 16.27
N SER B 49 7.78 11.50 16.52
CA SER B 49 8.14 12.04 17.82
C SER B 49 7.13 13.11 18.23
N ALA B 50 7.53 13.93 19.21
CA ALA B 50 6.64 14.97 19.71
C ALA B 50 7.41 15.86 20.68
N HIS B 51 6.93 17.07 20.89
CA HIS B 51 7.59 17.97 21.82
C HIS B 51 7.62 17.36 23.22
N VAL B 52 6.49 16.81 23.64
CA VAL B 52 6.37 16.24 24.98
C VAL B 52 7.27 15.03 25.27
N TYR B 53 7.86 14.44 24.23
CA TYR B 53 8.74 13.28 24.42
C TYR B 53 10.12 13.73 24.90
N ASN B 54 10.36 15.03 24.78
CA ASN B 54 11.62 15.64 25.20
C ASN B 54 12.85 14.95 24.59
N ASN B 55 12.79 14.68 23.28
CA ASN B 55 13.91 14.04 22.61
C ASN B 55 14.16 14.59 21.21
N GLU B 56 13.41 15.61 20.80
CA GLU B 56 13.60 16.13 19.45
C GLU B 56 15.02 16.57 19.13
N GLU B 57 15.77 17.02 20.13
CA GLU B 57 17.15 17.43 19.86
C GLU B 57 17.96 16.23 19.36
N GLN B 58 17.82 15.09 20.04
CA GLN B 58 18.54 13.88 19.67
C GLN B 58 17.98 13.29 18.38
N VAL B 59 16.66 13.19 18.29
CA VAL B 59 16.04 12.65 17.08
C VAL B 59 16.49 13.46 15.88
N GLY B 60 16.52 14.78 16.04
CA GLY B 60 16.94 15.65 14.96
C GLY B 60 18.39 15.38 14.59
N LEU B 61 19.24 15.19 15.59
CA LEU B 61 20.66 14.93 15.36
C LEU B 61 20.83 13.64 14.54
N ALA B 62 20.12 12.59 14.93
CA ALA B 62 20.20 11.31 14.24
C ALA B 62 19.83 11.45 12.77
N ILE B 63 18.73 12.17 12.50
CA ILE B 63 18.27 12.37 11.15
C ILE B 63 19.27 13.18 10.32
N ARG B 64 19.74 14.29 10.88
CA ARG B 64 20.69 15.15 10.19
C ARG B 64 22.02 14.43 9.98
N SER B 65 22.32 13.46 10.85
CA SER B 65 23.55 12.71 10.74
C SER B 65 23.45 11.79 9.53
N LYS B 66 22.38 11.02 9.45
CA LYS B 66 22.16 10.10 8.34
C LYS B 66 22.06 10.83 7.02
N ILE B 67 21.66 12.10 7.06
CA ILE B 67 21.58 12.90 5.85
C ILE B 67 22.98 13.40 5.53
N ALA B 68 23.74 13.69 6.58
CA ALA B 68 25.10 14.19 6.44
C ALA B 68 26.01 13.18 5.75
N ASP B 69 26.00 11.93 6.19
CA ASP B 69 26.86 10.92 5.59
C ASP B 69 26.30 10.27 4.32
N GLY B 70 25.21 10.82 3.81
CA GLY B 70 24.61 10.29 2.59
C GLY B 70 23.77 9.02 2.70
N SER B 71 23.44 8.61 3.91
CA SER B 71 22.63 7.41 4.10
C SER B 71 21.21 7.60 3.57
N VAL B 72 20.76 8.85 3.53
CA VAL B 72 19.41 9.15 3.06
C VAL B 72 19.26 10.64 2.77
N LYS B 73 18.27 10.99 1.97
CA LYS B 73 18.01 12.40 1.65
C LYS B 73 16.85 12.89 2.50
N ARG B 74 16.77 14.20 2.74
CA ARG B 74 15.70 14.77 3.56
C ARG B 74 14.32 14.37 3.04
N GLU B 75 14.17 14.35 1.71
CA GLU B 75 12.89 14.00 1.10
C GLU B 75 12.51 12.54 1.30
N ASP B 76 13.46 11.72 1.75
CA ASP B 76 13.15 10.31 1.97
C ASP B 76 12.99 10.00 3.45
N ILE B 77 12.77 11.05 4.22
CA ILE B 77 12.53 10.93 5.65
C ILE B 77 11.22 11.66 5.92
N PHE B 78 10.24 10.95 6.48
CA PHE B 78 8.95 11.54 6.80
C PHE B 78 8.98 11.71 8.32
N TYR B 79 9.17 12.95 8.78
CA TYR B 79 9.25 13.24 10.20
C TYR B 79 8.00 13.88 10.78
N THR B 80 7.51 13.30 11.87
CA THR B 80 6.30 13.79 12.55
C THR B 80 6.57 14.36 13.93
N SER B 81 6.03 15.55 14.19
CA SER B 81 6.14 16.17 15.51
C SER B 81 4.71 16.42 15.95
N LYS B 82 4.51 16.74 17.22
CA LYS B 82 3.17 16.96 17.74
C LYS B 82 3.12 18.18 18.67
N LEU B 83 2.04 18.94 18.51
CA LEU B 83 1.79 20.13 19.33
C LEU B 83 1.27 19.68 20.69
N TRP B 84 1.97 19.99 21.78
CA TRP B 84 1.48 19.57 23.07
C TRP B 84 0.36 20.47 23.56
N SER B 85 -0.40 19.96 24.52
CA SER B 85 -1.57 20.64 25.06
C SER B 85 -1.38 21.97 25.77
N ASN B 86 -0.15 22.34 26.07
CA ASN B 86 0.07 23.62 26.73
C ASN B 86 0.24 24.72 25.68
N SER B 87 0.12 24.35 24.40
CA SER B 87 0.25 25.34 23.33
C SER B 87 -0.94 25.32 22.34
N HIS B 88 -2.12 24.96 22.82
CA HIS B 88 -3.31 24.93 21.96
C HIS B 88 -3.80 26.33 21.60
N ARG B 89 -3.50 27.33 22.42
CA ARG B 89 -3.96 28.67 22.11
C ARG B 89 -3.44 29.08 20.74
N PRO B 90 -4.30 29.67 19.91
CA PRO B 90 -3.95 30.10 18.57
C PRO B 90 -2.59 30.79 18.41
N GLU B 91 -2.31 31.77 19.27
CA GLU B 91 -1.05 32.50 19.16
C GLU B 91 0.15 31.74 19.70
N LEU B 92 -0.07 30.53 20.20
CA LEU B 92 1.02 29.70 20.73
C LEU B 92 1.41 28.55 19.80
N VAL B 93 0.55 28.25 18.81
CA VAL B 93 0.82 27.14 17.91
C VAL B 93 2.07 27.27 17.04
N ARG B 94 2.20 28.35 16.28
CA ARG B 94 3.39 28.49 15.44
C ARG B 94 4.66 28.54 16.30
N PRO B 95 4.62 29.25 17.43
CA PRO B 95 5.84 29.28 18.26
C PRO B 95 6.24 27.87 18.71
N ALA B 96 5.26 27.04 19.04
CA ALA B 96 5.56 25.68 19.47
C ALA B 96 6.21 24.87 18.34
N LEU B 97 5.75 25.07 17.12
CA LEU B 97 6.31 24.36 15.98
C LEU B 97 7.73 24.86 15.74
N GLU B 98 7.91 26.18 15.77
CA GLU B 98 9.23 26.77 15.55
C GLU B 98 10.21 26.30 16.62
N ARG B 99 9.73 26.07 17.84
CA ARG B 99 10.60 25.59 18.91
C ARG B 99 11.04 24.17 18.62
N SER B 100 10.11 23.35 18.13
CA SER B 100 10.44 21.97 17.79
C SER B 100 11.45 21.97 16.65
N LEU B 101 11.21 22.81 15.65
CA LEU B 101 12.11 22.89 14.50
C LEU B 101 13.51 23.35 14.88
N LYS B 102 13.59 24.27 15.85
CA LYS B 102 14.88 24.77 16.30
C LYS B 102 15.65 23.66 17.02
N ASN B 103 14.95 22.86 17.82
CA ASN B 103 15.58 21.75 18.53
C ASN B 103 16.07 20.72 17.52
N LEU B 104 15.25 20.48 16.48
CA LEU B 104 15.57 19.52 15.43
C LEU B 104 16.61 20.06 14.45
N GLN B 105 16.71 21.38 14.37
CA GLN B 105 17.59 22.04 13.42
C GLN B 105 17.17 21.65 12.01
N LEU B 106 15.85 21.54 11.79
CA LEU B 106 15.27 21.21 10.49
C LEU B 106 14.44 22.40 10.06
N ASP B 107 14.25 22.55 8.74
CA ASP B 107 13.47 23.66 8.20
C ASP B 107 11.97 23.42 8.25
N TYR B 108 11.55 22.16 8.28
CA TYR B 108 10.13 21.82 8.31
C TYR B 108 9.89 20.39 8.80
N VAL B 109 8.67 20.11 9.23
CA VAL B 109 8.33 18.75 9.64
C VAL B 109 7.39 18.27 8.55
N ASP B 110 7.39 16.97 8.29
CA ASP B 110 6.52 16.45 7.24
C ASP B 110 5.08 16.38 7.73
N LEU B 111 4.92 16.25 9.05
CA LEU B 111 3.61 16.19 9.66
C LEU B 111 3.62 16.81 11.07
N TYR B 112 2.59 17.61 11.36
CA TYR B 112 2.46 18.22 12.67
C TYR B 112 1.04 17.90 13.13
N LEU B 113 0.94 17.29 14.31
CA LEU B 113 -0.34 16.87 14.85
C LEU B 113 -0.74 17.55 16.14
N ILE B 114 -2.04 17.67 16.36
CA ILE B 114 -2.53 18.17 17.64
C ILE B 114 -2.43 16.85 18.41
N HIS B 115 -1.55 16.83 19.41
CA HIS B 115 -1.30 15.62 20.19
C HIS B 115 -2.44 15.03 21.00
N PHE B 116 -3.17 15.87 21.72
CA PHE B 116 -4.25 15.40 22.57
C PHE B 116 -5.26 16.55 22.62
N PRO B 117 -6.55 16.26 22.42
CA PRO B 117 -7.60 17.30 22.43
C PRO B 117 -7.91 18.07 23.71
N VAL B 118 -7.38 17.64 24.85
CA VAL B 118 -7.62 18.37 26.10
C VAL B 118 -6.49 19.38 26.27
N SER B 119 -6.83 20.63 26.58
CA SER B 119 -5.82 21.68 26.75
C SER B 119 -5.43 21.86 28.22
N VAL B 120 -4.20 22.31 28.46
CA VAL B 120 -3.73 22.58 29.80
C VAL B 120 -3.10 23.98 29.80
N LYS B 121 -2.92 24.55 30.98
CA LYS B 121 -2.37 25.91 31.06
C LYS B 121 -1.01 26.12 30.39
N PRO B 122 -0.85 27.24 29.69
CA PRO B 122 0.42 27.55 29.01
C PRO B 122 1.54 27.64 30.04
N GLY B 123 2.74 27.29 29.62
CA GLY B 123 3.90 27.32 30.51
C GLY B 123 4.85 26.22 30.14
N GLU B 124 6.04 26.21 30.74
CA GLU B 124 7.03 25.18 30.44
C GLU B 124 6.58 23.80 30.86
N GLU B 125 5.93 23.68 32.00
CA GLU B 125 5.47 22.38 32.48
C GLU B 125 4.41 21.78 31.55
N VAL B 126 4.65 20.55 31.10
CA VAL B 126 3.71 19.89 30.20
C VAL B 126 2.46 19.36 30.89
N ILE B 127 2.56 19.06 32.17
CA ILE B 127 1.41 18.58 32.93
C ILE B 127 1.33 19.38 34.22
N PRO B 128 0.93 20.66 34.12
CA PRO B 128 0.81 21.54 35.28
C PRO B 128 -0.28 21.08 36.23
N LYS B 129 -0.01 21.17 37.54
CA LYS B 129 -0.97 20.76 38.55
C LYS B 129 -1.16 21.81 39.63
N ASP B 130 -2.35 21.83 40.23
CA ASP B 130 -2.66 22.79 41.29
C ASP B 130 -2.24 22.28 42.67
N GLU B 131 -2.56 23.03 43.70
CA GLU B 131 -2.19 22.67 45.07
C GLU B 131 -2.78 21.35 45.53
N ASN B 132 -4.01 21.07 45.09
CA ASN B 132 -4.68 19.83 45.48
C ASN B 132 -4.25 18.67 44.59
N GLY B 133 -3.26 18.93 43.73
CA GLY B 133 -2.75 17.89 42.84
C GLY B 133 -3.54 17.63 41.57
N LYS B 134 -4.53 18.47 41.29
CA LYS B 134 -5.36 18.28 40.08
C LYS B 134 -4.71 19.00 38.89
N ILE B 135 -4.90 18.47 37.68
CA ILE B 135 -4.33 19.11 36.50
C ILE B 135 -4.93 20.48 36.26
N LEU B 136 -4.08 21.44 35.87
CA LEU B 136 -4.54 22.78 35.57
C LEU B 136 -4.97 22.84 34.09
N PHE B 137 -6.21 22.45 33.84
CA PHE B 137 -6.77 22.46 32.50
C PHE B 137 -6.95 23.88 32.03
N ASP B 138 -7.01 24.05 30.71
CA ASP B 138 -7.23 25.36 30.11
C ASP B 138 -8.40 25.14 29.16
N THR B 139 -9.06 26.20 28.74
CA THR B 139 -10.17 26.07 27.82
C THR B 139 -9.79 26.73 26.52
N VAL B 140 -9.79 25.96 25.44
CA VAL B 140 -9.43 26.47 24.12
C VAL B 140 -10.28 25.86 23.03
N ASP B 141 -10.76 26.70 22.11
CA ASP B 141 -11.57 26.27 20.98
C ASP B 141 -10.64 25.54 20.00
N LEU B 142 -10.78 24.22 19.89
CA LEU B 142 -9.92 23.44 18.98
C LEU B 142 -10.03 23.89 17.52
N CYS B 143 -11.15 24.51 17.15
CA CYS B 143 -11.27 25.01 15.78
C CYS B 143 -10.28 26.14 15.57
N ALA B 144 -10.06 26.95 16.62
CA ALA B 144 -9.10 28.04 16.55
C ALA B 144 -7.70 27.44 16.44
N THR B 145 -7.47 26.38 17.21
CA THR B 145 -6.17 25.70 17.19
C THR B 145 -5.95 25.17 15.77
N TRP B 146 -6.98 24.56 15.19
CA TRP B 146 -6.83 24.02 13.84
C TRP B 146 -6.52 25.10 12.80
N GLU B 147 -7.15 26.26 12.93
CA GLU B 147 -6.89 27.35 12.00
C GLU B 147 -5.43 27.78 12.10
N ALA B 148 -4.85 27.70 13.29
CA ALA B 148 -3.45 28.07 13.48
C ALA B 148 -2.56 27.01 12.83
N MET B 149 -2.99 25.74 12.92
CA MET B 149 -2.24 24.64 12.32
C MET B 149 -2.21 24.85 10.80
N GLU B 150 -3.35 25.22 10.23
CA GLU B 150 -3.44 25.45 8.80
C GLU B 150 -2.47 26.54 8.34
N LYS B 151 -2.30 27.57 9.16
CA LYS B 151 -1.37 28.65 8.82
C LYS B 151 0.06 28.15 8.85
N CYS B 152 0.33 27.15 9.70
CA CYS B 152 1.68 26.59 9.76
C CYS B 152 1.96 25.83 8.48
N LYS B 153 0.94 25.18 7.93
CA LYS B 153 1.12 24.45 6.68
C LYS B 153 1.31 25.46 5.53
N ASP B 154 0.52 26.53 5.53
CA ASP B 154 0.68 27.51 4.46
C ASP B 154 2.01 28.22 4.54
N ALA B 155 2.58 28.31 5.74
CA ALA B 155 3.87 28.96 5.91
C ALA B 155 5.00 28.03 5.52
N GLY B 156 4.66 26.78 5.24
CA GLY B 156 5.67 25.80 4.84
C GLY B 156 6.42 25.12 5.97
N LEU B 157 6.04 25.41 7.22
CA LEU B 157 6.70 24.83 8.38
C LEU B 157 6.31 23.36 8.61
N ALA B 158 5.14 22.98 8.09
CA ALA B 158 4.65 21.61 8.19
C ALA B 158 4.09 21.25 6.81
N LYS B 159 4.54 20.14 6.23
CA LYS B 159 4.06 19.75 4.92
C LYS B 159 2.60 19.31 4.99
N SER B 160 2.27 18.58 6.06
CA SER B 160 0.90 18.11 6.29
C SER B 160 0.58 18.32 7.77
N ILE B 161 -0.71 18.40 8.08
CA ILE B 161 -1.16 18.55 9.45
C ILE B 161 -2.25 17.51 9.72
N GLY B 162 -2.30 17.05 10.97
CA GLY B 162 -3.29 16.06 11.34
C GLY B 162 -3.59 16.14 12.83
N VAL B 163 -4.24 15.10 13.35
CA VAL B 163 -4.59 15.06 14.76
C VAL B 163 -4.26 13.70 15.37
N SER B 164 -4.34 13.63 16.69
CA SER B 164 -4.06 12.40 17.41
C SER B 164 -5.00 12.32 18.61
N ASN B 165 -5.50 11.13 18.90
CA ASN B 165 -6.39 10.91 20.03
C ASN B 165 -7.72 11.65 19.90
N PHE B 166 -8.20 11.80 18.66
CA PHE B 166 -9.47 12.45 18.42
C PHE B 166 -10.51 11.36 18.25
N ASN B 167 -11.73 11.61 18.73
CA ASN B 167 -12.80 10.64 18.57
C ASN B 167 -13.68 11.10 17.42
N HIS B 168 -14.78 10.38 17.19
CA HIS B 168 -15.71 10.69 16.12
C HIS B 168 -16.22 12.13 16.19
N ARG B 169 -16.71 12.55 17.36
CA ARG B 169 -17.24 13.90 17.54
C ARG B 169 -16.22 15.00 17.25
N LEU B 170 -15.00 14.81 17.73
CA LEU B 170 -13.95 15.80 17.52
C LEU B 170 -13.54 15.88 16.05
N LEU B 171 -13.50 14.75 15.37
CA LEU B 171 -13.13 14.76 13.96
C LEU B 171 -14.18 15.53 13.18
N GLU B 172 -15.46 15.28 13.49
CA GLU B 172 -16.54 15.97 12.81
C GLU B 172 -16.48 17.47 13.07
N MET B 173 -16.07 17.83 14.29
CA MET B 173 -15.97 19.24 14.65
C MET B 173 -15.04 19.95 13.66
N ILE B 174 -13.89 19.31 13.38
CA ILE B 174 -12.93 19.89 12.44
C ILE B 174 -13.45 19.81 11.01
N LEU B 175 -13.89 18.62 10.61
CA LEU B 175 -14.40 18.42 9.25
C LEU B 175 -15.55 19.36 8.90
N ASN B 176 -16.40 19.68 9.88
CA ASN B 176 -17.54 20.56 9.66
C ASN B 176 -17.27 22.02 9.97
N LYS B 177 -16.03 22.36 10.32
CA LYS B 177 -15.69 23.73 10.66
C LYS B 177 -15.88 24.69 9.51
N PRO B 178 -16.55 25.82 9.77
CA PRO B 178 -16.76 26.79 8.69
C PRO B 178 -15.42 27.32 8.19
N GLY B 179 -15.29 27.43 6.87
CA GLY B 179 -14.06 27.94 6.29
C GLY B 179 -12.88 26.99 6.31
N LEU B 180 -13.11 25.72 6.62
CA LEU B 180 -12.03 24.72 6.66
C LEU B 180 -11.16 24.79 5.40
N LYS B 181 -9.84 24.81 5.58
N LYS B 181 -9.85 24.81 5.59
CA LYS B 181 -8.94 24.85 4.44
CA LYS B 181 -8.92 24.87 4.46
C LYS B 181 -8.31 23.50 4.17
C LYS B 181 -8.31 23.50 4.17
N TYR B 182 -7.90 22.82 5.25
CA TYR B 182 -7.26 21.52 5.12
C TYR B 182 -7.81 20.50 6.11
N LYS B 183 -8.25 19.34 5.61
CA LYS B 183 -8.75 18.31 6.51
C LYS B 183 -7.51 17.72 7.18
N PRO B 184 -7.68 17.06 8.33
CA PRO B 184 -6.50 16.46 8.95
C PRO B 184 -6.14 15.28 8.04
N VAL B 185 -4.85 15.02 7.81
CA VAL B 185 -4.49 13.91 6.92
C VAL B 185 -4.56 12.59 7.65
N CYS B 186 -4.55 12.64 8.98
CA CYS B 186 -4.57 11.41 9.77
C CYS B 186 -5.08 11.63 11.18
N ASN B 187 -5.35 10.52 11.85
CA ASN B 187 -5.76 10.52 13.25
C ASN B 187 -4.94 9.40 13.87
N GLN B 188 -3.89 9.77 14.59
CA GLN B 188 -3.01 8.80 15.23
C GLN B 188 -3.63 8.38 16.56
N VAL B 189 -3.99 7.11 16.67
CA VAL B 189 -4.63 6.58 17.87
C VAL B 189 -4.16 5.17 18.23
N GLU B 190 -4.48 4.75 19.45
CA GLU B 190 -4.11 3.42 19.91
C GLU B 190 -4.87 2.41 19.07
N CYS B 191 -4.16 1.42 18.54
CA CYS B 191 -4.81 0.40 17.74
C CYS B 191 -4.00 -0.89 17.69
N HIS B 192 -4.66 -2.00 18.01
CA HIS B 192 -4.04 -3.32 18.03
C HIS B 192 -5.15 -4.38 18.10
N PRO B 193 -4.78 -5.67 17.99
CA PRO B 193 -5.77 -6.76 18.04
C PRO B 193 -6.76 -6.76 19.21
N TYR B 194 -6.36 -6.21 20.35
CA TYR B 194 -7.27 -6.17 21.51
C TYR B 194 -8.16 -4.94 21.52
N PHE B 195 -7.90 -4.03 20.58
CA PHE B 195 -8.68 -2.79 20.48
C PHE B 195 -8.44 -2.32 19.04
N ASN B 196 -9.07 -3.01 18.08
CA ASN B 196 -8.86 -2.71 16.67
C ASN B 196 -9.52 -1.47 16.04
N GLN B 197 -10.23 -0.69 16.84
CA GLN B 197 -10.84 0.55 16.34
C GLN B 197 -11.63 0.44 15.04
N ARG B 198 -12.24 -0.72 14.80
CA ARG B 198 -13.00 -0.92 13.57
C ARG B 198 -13.95 0.22 13.23
N LYS B 199 -14.77 0.66 14.20
CA LYS B 199 -15.71 1.73 13.93
C LYS B 199 -15.06 3.06 13.57
N LEU B 200 -14.04 3.45 14.33
CA LEU B 200 -13.35 4.71 14.07
C LEU B 200 -12.56 4.60 12.77
N LEU B 201 -11.99 3.42 12.50
CA LEU B 201 -11.23 3.21 11.28
C LEU B 201 -12.13 3.42 10.07
N ASP B 202 -13.31 2.78 10.08
CA ASP B 202 -14.25 2.93 8.99
C ASP B 202 -14.65 4.39 8.80
N PHE B 203 -14.89 5.11 9.90
CA PHE B 203 -15.28 6.51 9.76
C PHE B 203 -14.14 7.26 9.07
N CYS B 204 -12.92 7.02 9.52
CA CYS B 204 -11.77 7.68 8.93
C CYS B 204 -11.65 7.36 7.45
N LYS B 205 -11.83 6.10 7.10
CA LYS B 205 -11.74 5.72 5.70
C LYS B 205 -12.80 6.48 4.89
N SER B 206 -14.00 6.59 5.44
CA SER B 206 -15.09 7.27 4.74
C SER B 206 -14.79 8.75 4.46
N LYS B 207 -13.79 9.30 5.15
CA LYS B 207 -13.40 10.71 4.97
C LYS B 207 -11.99 10.83 4.42
N ASP B 208 -11.43 9.69 4.01
CA ASP B 208 -10.06 9.61 3.49
C ASP B 208 -9.05 10.15 4.47
N ILE B 209 -9.26 9.82 5.75
CA ILE B 209 -8.33 10.21 6.80
C ILE B 209 -7.60 8.91 7.15
N VAL B 210 -6.27 8.95 7.16
CA VAL B 210 -5.50 7.76 7.48
C VAL B 210 -5.42 7.55 8.99
N LEU B 211 -5.68 6.31 9.43
CA LEU B 211 -5.58 6.04 10.86
C LEU B 211 -4.16 5.56 11.09
N VAL B 212 -3.47 6.18 12.03
CA VAL B 212 -2.10 5.80 12.35
C VAL B 212 -2.14 5.15 13.73
N ALA B 213 -1.69 3.90 13.79
CA ALA B 213 -1.74 3.14 15.04
C ALA B 213 -0.50 3.20 15.92
N TYR B 214 -0.70 3.53 17.19
CA TYR B 214 0.38 3.55 18.15
C TYR B 214 0.04 2.45 19.16
N SER B 215 1.05 1.97 19.88
CA SER B 215 0.84 0.87 20.83
C SER B 215 0.30 -0.31 20.04
N ALA B 216 0.77 -0.43 18.79
CA ALA B 216 0.34 -1.50 17.91
C ALA B 216 0.90 -2.84 18.38
N LEU B 217 1.78 -2.79 19.37
CA LEU B 217 2.39 -4.01 19.91
C LEU B 217 2.04 -4.21 21.38
N GLY B 218 0.97 -3.56 21.83
CA GLY B 218 0.53 -3.71 23.21
C GLY B 218 1.06 -2.67 24.17
N SER B 219 1.71 -1.64 23.64
CA SER B 219 2.28 -0.53 24.43
C SER B 219 3.47 -0.94 25.28
N HIS B 220 4.05 0.06 25.94
CA HIS B 220 5.21 -0.14 26.80
C HIS B 220 4.82 -0.69 28.17
N ARG B 221 3.53 -0.68 28.47
CA ARG B 221 3.02 -1.18 29.73
C ARG B 221 3.69 -0.49 30.92
N GLU B 222 4.15 0.74 30.72
CA GLU B 222 4.80 1.50 31.78
C GLU B 222 3.79 2.21 32.68
N GLU B 223 3.90 1.96 33.99
CA GLU B 223 3.01 2.59 34.95
C GLU B 223 3.49 4.01 35.23
N PRO B 224 2.57 4.89 35.66
CA PRO B 224 1.15 4.61 35.90
C PRO B 224 0.29 4.87 34.66
N TRP B 225 0.92 4.98 33.51
CA TRP B 225 0.20 5.24 32.27
C TRP B 225 -0.61 4.01 31.82
N VAL B 226 -0.04 2.83 32.03
CA VAL B 226 -0.71 1.59 31.65
C VAL B 226 -0.86 0.65 32.85
N ASP B 227 -2.05 0.06 32.98
CA ASP B 227 -2.34 -0.88 34.07
C ASP B 227 -1.49 -2.13 33.88
N PRO B 228 -0.61 -2.44 34.85
CA PRO B 228 0.26 -3.61 34.80
C PRO B 228 -0.48 -4.95 34.74
N ASN B 229 -1.72 -4.97 35.21
CA ASN B 229 -2.53 -6.18 35.20
C ASN B 229 -3.31 -6.35 33.90
N SER B 230 -2.97 -5.55 32.89
CA SER B 230 -3.64 -5.63 31.59
C SER B 230 -3.07 -6.80 30.79
N PRO B 231 -3.90 -7.41 29.93
CA PRO B 231 -3.46 -8.54 29.09
C PRO B 231 -2.20 -8.18 28.30
N VAL B 232 -1.33 -9.17 28.12
CA VAL B 232 -0.10 -8.94 27.36
C VAL B 232 -0.35 -9.38 25.93
N LEU B 233 -0.47 -8.40 25.03
CA LEU B 233 -0.73 -8.65 23.63
C LEU B 233 0.20 -9.65 22.96
N LEU B 234 1.50 -9.38 23.00
CA LEU B 234 2.48 -10.24 22.36
C LEU B 234 2.57 -11.67 22.91
N GLU B 235 1.74 -11.97 23.90
CA GLU B 235 1.71 -13.31 24.47
C GLU B 235 0.40 -14.00 24.16
N ASP B 236 -0.37 -13.40 23.24
CA ASP B 236 -1.66 -13.97 22.85
C ASP B 236 -1.44 -15.27 22.07
N PRO B 237 -2.17 -16.33 22.44
CA PRO B 237 -2.06 -17.64 21.78
C PRO B 237 -2.25 -17.60 20.25
N VAL B 238 -3.27 -16.89 19.81
CA VAL B 238 -3.54 -16.80 18.38
C VAL B 238 -2.37 -16.15 17.64
N LEU B 239 -1.89 -15.02 18.16
CA LEU B 239 -0.77 -14.33 17.53
C LEU B 239 0.48 -15.22 17.57
N CYS B 240 0.69 -15.89 18.69
N CYS B 240 0.71 -15.88 18.69
CA CYS B 240 1.84 -16.76 18.86
CA CYS B 240 1.89 -16.75 18.80
C CYS B 240 1.75 -17.95 17.90
C CYS B 240 1.76 -17.94 17.85
N ALA B 241 0.55 -18.48 17.72
CA ALA B 241 0.32 -19.61 16.83
C ALA B 241 0.57 -19.20 15.38
N LEU B 242 0.04 -18.03 15.01
CA LEU B 242 0.22 -17.53 13.66
C LEU B 242 1.69 -17.23 13.40
N ALA B 243 2.37 -16.72 14.44
CA ALA B 243 3.79 -16.40 14.32
C ALA B 243 4.60 -17.66 14.10
N LYS B 244 4.19 -18.76 14.73
CA LYS B 244 4.88 -20.02 14.60
C LYS B 244 4.81 -20.54 13.17
N LYS B 245 3.60 -20.57 12.63
CA LYS B 245 3.37 -21.06 11.27
C LYS B 245 4.15 -20.27 10.22
N HIS B 246 4.04 -18.94 10.26
CA HIS B 246 4.72 -18.08 9.32
C HIS B 246 6.23 -17.94 9.57
N LYS B 247 6.70 -18.52 10.67
CA LYS B 247 8.12 -18.43 11.01
C LYS B 247 8.53 -16.97 11.25
N ARG B 248 7.70 -16.25 11.99
CA ARG B 248 7.98 -14.85 12.29
C ARG B 248 7.88 -14.61 13.80
N THR B 249 7.18 -13.55 14.18
CA THR B 249 7.01 -13.21 15.60
C THR B 249 5.61 -12.63 15.81
N PRO B 250 5.12 -12.65 17.06
CA PRO B 250 3.79 -12.12 17.35
C PRO B 250 3.70 -10.64 16.99
N ALA B 251 4.80 -9.92 17.18
CA ALA B 251 4.85 -8.50 16.86
C ALA B 251 4.63 -8.30 15.37
N LEU B 252 5.29 -9.12 14.56
CA LEU B 252 5.17 -9.01 13.11
C LEU B 252 3.76 -9.31 12.62
N ILE B 253 3.08 -10.24 13.28
CA ILE B 253 1.72 -10.57 12.90
C ILE B 253 0.84 -9.35 13.20
N ALA B 254 1.02 -8.78 14.38
CA ALA B 254 0.24 -7.61 14.79
C ALA B 254 0.49 -6.41 13.90
N LEU B 255 1.71 -6.26 13.41
CA LEU B 255 2.02 -5.14 12.51
C LEU B 255 1.41 -5.40 11.13
N ARG B 256 1.65 -6.59 10.59
CA ARG B 256 1.14 -6.93 9.27
C ARG B 256 -0.39 -6.77 9.24
N TYR B 257 -1.01 -7.14 10.35
CA TYR B 257 -2.46 -7.03 10.50
C TYR B 257 -2.92 -5.63 10.13
N GLN B 258 -2.28 -4.64 10.73
CA GLN B 258 -2.63 -3.24 10.48
C GLN B 258 -2.43 -2.84 9.02
N LEU B 259 -1.28 -3.20 8.44
CA LEU B 259 -1.02 -2.84 7.06
C LEU B 259 -2.10 -3.36 6.10
N GLN B 260 -2.58 -4.58 6.34
CA GLN B 260 -3.59 -5.15 5.48
C GLN B 260 -5.00 -4.62 5.67
N ARG B 261 -5.24 -3.87 6.75
CA ARG B 261 -6.57 -3.30 6.95
C ARG B 261 -6.53 -1.81 6.63
N GLY B 262 -5.48 -1.39 5.93
CA GLY B 262 -5.34 0.01 5.53
C GLY B 262 -4.86 0.97 6.58
N VAL B 263 -4.24 0.45 7.63
CA VAL B 263 -3.76 1.28 8.72
C VAL B 263 -2.24 1.50 8.63
N VAL B 264 -1.80 2.72 8.93
CA VAL B 264 -0.38 3.02 8.94
C VAL B 264 0.04 2.66 10.35
N VAL B 265 1.09 1.88 10.51
CA VAL B 265 1.49 1.44 11.84
C VAL B 265 2.84 1.90 12.34
N LEU B 266 2.89 2.26 13.62
CA LEU B 266 4.14 2.69 14.26
C LEU B 266 4.67 1.52 15.08
N ALA B 267 5.98 1.49 15.26
CA ALA B 267 6.65 0.45 16.02
C ALA B 267 7.84 1.07 16.72
N LYS B 268 7.82 1.05 18.05
CA LYS B 268 8.93 1.59 18.83
C LYS B 268 9.80 0.47 19.37
N SER B 269 11.11 0.62 19.18
CA SER B 269 12.07 -0.33 19.67
C SER B 269 13.44 0.35 19.76
N TYR B 270 14.09 0.23 20.90
CA TYR B 270 15.41 0.80 21.10
C TYR B 270 16.44 -0.33 21.05
N ASN B 271 15.97 -1.50 20.67
CA ASN B 271 16.81 -2.69 20.57
C ASN B 271 17.13 -2.97 19.10
N GLU B 272 18.42 -2.93 18.77
CA GLU B 272 18.87 -3.14 17.39
C GLU B 272 18.28 -4.39 16.74
N GLN B 273 18.08 -5.45 17.52
CA GLN B 273 17.50 -6.68 16.98
C GLN B 273 16.05 -6.50 16.58
N ARG B 274 15.22 -6.05 17.52
CA ARG B 274 13.81 -5.85 17.26
C ARG B 274 13.54 -4.75 16.24
N ILE B 275 14.48 -3.83 16.07
CA ILE B 275 14.33 -2.76 15.09
C ILE B 275 14.36 -3.36 13.69
N ARG B 276 15.41 -4.13 13.41
CA ARG B 276 15.56 -4.77 12.11
C ARG B 276 14.46 -5.79 11.85
N GLN B 277 13.96 -6.41 12.92
CA GLN B 277 12.91 -7.41 12.79
C GLN B 277 11.58 -6.81 12.29
N ASN B 278 11.18 -5.69 12.88
CA ASN B 278 9.93 -5.04 12.50
C ASN B 278 9.84 -4.65 11.02
N VAL B 279 10.98 -4.38 10.39
CA VAL B 279 10.98 -4.02 8.99
C VAL B 279 10.58 -5.23 8.12
N GLN B 280 10.65 -6.41 8.69
CA GLN B 280 10.29 -7.63 7.97
C GLN B 280 8.80 -7.72 7.70
N VAL B 281 8.04 -6.75 8.16
CA VAL B 281 6.59 -6.74 7.96
C VAL B 281 6.25 -6.76 6.47
N PHE B 282 7.19 -6.34 5.64
CA PHE B 282 6.96 -6.29 4.20
C PHE B 282 7.35 -7.58 3.48
N GLU B 283 7.78 -8.60 4.23
CA GLU B 283 8.19 -9.86 3.62
C GLU B 283 7.15 -10.96 3.51
N PHE B 284 5.99 -10.77 4.14
CA PHE B 284 4.97 -11.80 4.07
C PHE B 284 3.58 -11.17 4.06
N GLN B 285 2.57 -12.02 3.93
CA GLN B 285 1.19 -11.57 3.90
C GLN B 285 0.33 -12.54 4.69
N LEU B 286 -0.84 -12.06 5.11
CA LEU B 286 -1.78 -12.86 5.88
C LEU B 286 -3.00 -13.14 5.00
N THR B 287 -3.55 -14.35 5.09
CA THR B 287 -4.71 -14.73 4.31
C THR B 287 -5.99 -14.16 4.93
N SER B 288 -7.08 -14.21 4.19
CA SER B 288 -8.34 -13.68 4.70
C SER B 288 -8.70 -14.37 6.01
N GLU B 289 -8.46 -15.68 6.07
CA GLU B 289 -8.75 -16.46 7.27
C GLU B 289 -7.92 -16.03 8.48
N GLU B 290 -6.64 -15.77 8.26
CA GLU B 290 -5.79 -15.35 9.36
C GLU B 290 -6.21 -13.96 9.84
N MET B 291 -6.64 -13.12 8.91
CA MET B 291 -7.08 -11.78 9.27
C MET B 291 -8.35 -11.86 10.11
N LYS B 292 -9.25 -12.76 9.73
CA LYS B 292 -10.50 -12.94 10.45
C LYS B 292 -10.20 -13.45 11.85
N ALA B 293 -9.14 -14.26 11.96
CA ALA B 293 -8.73 -14.80 13.25
C ALA B 293 -8.27 -13.68 14.17
N ILE B 294 -7.54 -12.72 13.60
CA ILE B 294 -7.03 -11.60 14.39
C ILE B 294 -8.18 -10.66 14.75
N ASP B 295 -9.15 -10.49 13.86
CA ASP B 295 -10.29 -9.63 14.16
C ASP B 295 -11.04 -10.18 15.38
N GLY B 296 -11.01 -11.51 15.53
CA GLY B 296 -11.70 -12.15 16.63
C GLY B 296 -11.09 -11.90 18.00
N LEU B 297 -9.87 -11.39 18.04
CA LEU B 297 -9.21 -11.11 19.31
C LEU B 297 -9.69 -9.80 19.93
N ASN B 298 -10.33 -8.97 19.13
CA ASN B 298 -10.84 -7.68 19.61
C ASN B 298 -11.57 -7.87 20.93
N ARG B 299 -11.23 -7.06 21.93
CA ARG B 299 -11.86 -7.21 23.23
C ARG B 299 -11.99 -5.93 24.06
N ASN B 300 -12.06 -4.78 23.39
CA ASN B 300 -12.23 -3.51 24.08
C ASN B 300 -11.23 -3.28 25.20
N VAL B 301 -9.96 -3.56 24.92
CA VAL B 301 -8.89 -3.37 25.90
C VAL B 301 -8.03 -2.18 25.52
N ARG B 302 -8.31 -1.02 26.13
CA ARG B 302 -7.54 0.19 25.86
C ARG B 302 -6.44 0.33 26.90
N TYR B 303 -5.19 0.24 26.44
CA TYR B 303 -4.05 0.37 27.34
C TYR B 303 -3.84 1.79 27.86
N LEU B 304 -3.87 2.78 26.97
CA LEU B 304 -3.66 4.18 27.35
C LEU B 304 -4.96 4.96 27.49
N THR B 305 -5.45 5.07 28.72
CA THR B 305 -6.69 5.79 28.97
C THR B 305 -6.43 7.26 29.21
N LEU B 306 -5.23 7.58 29.71
CA LEU B 306 -4.88 8.97 30.01
C LEU B 306 -6.01 9.56 30.83
N ASP B 307 -6.53 8.75 31.76
CA ASP B 307 -7.64 9.18 32.62
C ASP B 307 -7.32 10.36 33.51
N ILE B 308 -6.06 10.75 33.58
CA ILE B 308 -5.71 11.90 34.41
C ILE B 308 -6.25 13.16 33.74
N PHE B 309 -6.50 13.07 32.44
CA PHE B 309 -7.03 14.22 31.68
C PHE B 309 -8.56 14.18 31.56
N ALA B 310 -9.18 13.24 32.27
CA ALA B 310 -10.65 13.11 32.22
C ALA B 310 -11.33 14.29 32.90
N GLY B 311 -12.54 14.61 32.43
CA GLY B 311 -13.27 15.72 33.01
C GLY B 311 -13.69 16.75 31.98
N PRO B 312 -12.73 17.34 31.27
CA PRO B 312 -13.04 18.35 30.25
C PRO B 312 -13.94 17.79 29.15
N PRO B 313 -14.72 18.66 28.48
CA PRO B 313 -15.62 18.28 27.41
C PRO B 313 -14.89 17.53 26.29
N ASN B 314 -13.61 17.86 26.10
CA ASN B 314 -12.85 17.21 25.04
C ASN B 314 -12.14 15.91 25.36
N TYR B 315 -12.26 15.40 26.59
CA TYR B 315 -11.63 14.12 26.89
C TYR B 315 -12.23 13.22 25.80
N PRO B 316 -11.37 12.55 25.02
CA PRO B 316 -11.80 11.70 23.91
C PRO B 316 -12.28 10.26 24.09
N PHE B 317 -11.88 9.59 25.16
CA PHE B 317 -12.25 8.18 25.30
C PHE B 317 -13.52 7.78 26.03
N SER B 318 -14.41 8.74 26.28
CA SER B 318 -15.66 8.44 26.97
C SER B 318 -16.72 7.93 25.99
N ASP B 319 -16.71 8.49 24.78
CA ASP B 319 -17.68 8.09 23.76
C ASP B 319 -17.38 6.69 23.25
N GLU B 320 -18.39 6.06 22.63
CA GLU B 320 -18.23 4.72 22.09
C GLU B 320 -17.05 4.72 21.12
N TYR B 321 -16.90 5.82 20.38
CA TYR B 321 -15.80 5.98 19.43
C TYR B 321 -15.78 7.41 18.90
#